data_7D41
#
_entry.id   7D41
#
_cell.length_a   55.732
_cell.length_b   99.518
_cell.length_c   126.707
_cell.angle_alpha   90.000
_cell.angle_beta   90.000
_cell.angle_gamma   90.000
#
_symmetry.space_group_name_H-M   'P 21 21 21'
#
loop_
_entity.id
_entity.type
_entity.pdbx_description
1 polymer 'Chalcone synthase-like protein'
2 polymer 'Chalcone/stilbene synthase'
3 non-polymer 'OCTANOIC ACID (CAPRYLIC ACID)'
4 water water
#
loop_
_entity_poly.entity_id
_entity_poly.type
_entity_poly.pdbx_seq_one_letter_code
_entity_poly.pdbx_strand_id
1 'polypeptide(L)'
;MSTAAEGGAIRRAGHEPRYDLAQLPPAPPTTVAVIEGMATGAPQRVVAQADAAARVSELFVDPQQRERISRIYDKTRIDT
RRMAVDPLDDEFDEFRREPATIRDRMNLFYQHAVPLAVDVAARALDGLPYAPDEIGQLVFVTSTGFIAPGVDVEIVKQLG
LPRSISRVVVNFMGCAAAMNAIRTATNYVRAHPSMKALVVCIELSSVNAVFADDINDVVIHSLFGDGCGALVIGASQVQQ
PLPAGNVVIRSSFSQLLDDSEDGIVLGVNHDGITCELSENLPSYIYRSVDPVVAEMLRDNGLSKADIDLWAIHPGGPKII
EQSARSLGIPVGRAVQSWDVLAQFGNMLSVSLIFVLEMMVAQAESDKPISTGVAFAFAPGVTVEGMLFDIIRRGNSSSVD
KLAAALEHHHHHH
;
B
2 'polypeptide(L)'
;MSTAAEGGAIRRAGHEPRYDLAQLPPAPPTTVAVIEGMATGAPQRVVAQADAAARVSELFVDPQQRERISRIYDKTRIDT
RRMAVDPLDDEFDEFRREPATIRDRMNLFYQHAVPLAVDVAARALDGLPYAPDEIGQLVFVTSTGFIAPGVDVEIVKQLG
LPRSISRVVVNFMG(MCS)AAAMNAIRTATNYVRAHPSMKALVVCIELSSVNAVFADDINDVVIHSLFGDGCGALVIGAS
QVQQPLPAGNVVIRSSFSQLLDDSEDGIVLGVNHDGITCELSENLPSYIYRSVDPVVAEMLRDNGLSKADIDLWAIHPGG
PKIIEQSARSLGIPVGRAVQSWDVLAQFGNMLSVSLIFVLEMMVAQAESDKPISTGVAFAFAPGVTVEGMLFDIIRRGNS
SSVDKLAAALEHHHHHH
;
A
#
loop_
_chem_comp.id
_chem_comp.type
_chem_comp.name
_chem_comp.formula
OCA non-polymer 'OCTANOIC ACID (CAPRYLIC ACID)' 'C8 H16 O2'
#
# COMPACT_ATOMS: atom_id res chain seq x y z
N ALA A 27 9.86 26.37 -7.60
CA ALA A 27 8.97 27.11 -6.65
C ALA A 27 7.80 26.22 -6.28
N PRO A 28 7.58 25.90 -4.98
CA PRO A 28 6.47 25.04 -4.57
C PRO A 28 5.14 25.77 -4.65
N PRO A 29 4.02 25.08 -4.98
CA PRO A 29 2.68 25.72 -4.95
C PRO A 29 2.31 26.23 -3.54
N THR A 30 1.77 27.46 -3.43
CA THR A 30 1.41 28.15 -2.15
C THR A 30 -0.06 27.91 -1.83
N THR A 31 -0.47 26.66 -1.89
CA THR A 31 -1.86 26.19 -1.73
C THR A 31 -1.82 25.39 -0.43
N VAL A 32 -2.94 25.06 0.18
CA VAL A 32 -2.85 24.27 1.42
C VAL A 32 -3.95 23.21 1.35
N ALA A 33 -3.77 22.07 2.00
CA ALA A 33 -4.77 20.98 2.02
C ALA A 33 -5.77 21.19 3.17
N VAL A 34 -7.05 20.95 2.89
CA VAL A 34 -8.18 21.14 3.84
C VAL A 34 -9.04 19.87 3.85
N ILE A 35 -9.33 19.35 5.03
CA ILE A 35 -10.38 18.31 5.23
C ILE A 35 -11.73 19.04 5.18
N GLU A 36 -12.50 18.82 4.12
CA GLU A 36 -13.81 19.44 3.86
C GLU A 36 -14.93 18.49 4.28
N GLY A 37 -14.61 17.24 4.56
CA GLY A 37 -15.59 16.17 4.82
C GLY A 37 -14.99 15.02 5.62
N MET A 38 -15.73 14.50 6.59
CA MET A 38 -15.35 13.38 7.50
C MET A 38 -16.60 12.57 7.82
N ALA A 39 -16.40 11.29 8.13
CA ALA A 39 -17.45 10.40 8.64
C ALA A 39 -16.79 9.16 9.24
N THR A 40 -17.42 8.60 10.26
CA THR A 40 -16.99 7.38 10.98
C THR A 40 -18.14 6.35 10.94
N GLY A 41 -17.79 5.12 11.26
CA GLY A 41 -18.69 3.96 11.30
C GLY A 41 -18.01 2.82 12.02
N ALA A 42 -18.76 1.79 12.36
CA ALA A 42 -18.24 0.54 12.96
C ALA A 42 -19.32 -0.54 12.90
N PRO A 43 -18.94 -1.82 12.99
CA PRO A 43 -19.94 -2.89 13.05
C PRO A 43 -21.00 -2.60 14.12
N GLN A 44 -22.23 -3.07 13.87
CA GLN A 44 -23.38 -2.91 14.79
C GLN A 44 -23.10 -3.62 16.12
N ARG A 45 -22.39 -4.75 16.11
CA ARG A 45 -22.20 -5.63 17.31
C ARG A 45 -21.28 -4.97 18.34
N VAL A 46 -21.83 -4.61 19.51
CA VAL A 46 -21.02 -4.12 20.67
C VAL A 46 -20.58 -5.33 21.50
N VAL A 47 -19.35 -5.27 22.02
CA VAL A 47 -18.77 -6.29 22.94
C VAL A 47 -18.25 -5.53 24.17
N ALA A 48 -18.95 -5.63 25.30
CA ALA A 48 -18.56 -5.02 26.58
C ALA A 48 -17.24 -5.66 27.01
N GLN A 49 -16.32 -4.85 27.55
CA GLN A 49 -14.97 -5.33 27.93
C GLN A 49 -15.11 -6.34 29.07
N ALA A 50 -16.05 -6.09 29.99
CA ALA A 50 -16.41 -7.00 31.11
C ALA A 50 -16.71 -8.41 30.56
N ASP A 51 -17.63 -8.50 29.59
CA ASP A 51 -18.06 -9.77 28.95
C ASP A 51 -16.88 -10.46 28.26
N ALA A 52 -16.04 -9.72 27.54
CA ALA A 52 -14.88 -10.29 26.81
C ALA A 52 -13.92 -10.93 27.82
N ALA A 53 -13.69 -10.27 28.96
CA ALA A 53 -12.80 -10.76 30.04
C ALA A 53 -13.37 -12.06 30.62
N ALA A 54 -14.70 -12.17 30.73
CA ALA A 54 -15.41 -13.38 31.19
C ALA A 54 -15.11 -14.54 30.24
N ARG A 55 -15.35 -14.36 28.94
CA ARG A 55 -15.12 -15.40 27.89
C ARG A 55 -13.69 -15.93 28.00
N VAL A 56 -12.71 -15.07 28.26
CA VAL A 56 -11.26 -15.45 28.32
C VAL A 56 -10.98 -16.13 29.66
N SER A 57 -11.45 -15.59 30.78
CA SER A 57 -11.17 -16.09 32.16
C SER A 57 -11.70 -17.53 32.31
N GLU A 58 -12.84 -17.84 31.69
CA GLU A 58 -13.45 -19.20 31.69
C GLU A 58 -12.41 -20.25 31.27
N LEU A 59 -11.56 -19.92 30.29
CA LEU A 59 -10.52 -20.84 29.72
C LEU A 59 -9.24 -20.78 30.58
N PHE A 60 -9.35 -20.53 31.88
CA PHE A 60 -8.23 -20.64 32.86
C PHE A 60 -8.75 -21.37 34.10
N VAL A 61 -7.86 -22.11 34.78
CA VAL A 61 -8.18 -22.97 35.96
C VAL A 61 -7.56 -22.33 37.21
N ASP A 62 -6.21 -22.26 37.28
CA ASP A 62 -5.46 -21.65 38.42
C ASP A 62 -6.04 -20.27 38.72
N PRO A 63 -6.60 -20.02 39.92
CA PRO A 63 -7.29 -18.76 40.19
C PRO A 63 -6.33 -17.57 40.18
N GLN A 64 -5.03 -17.80 40.42
CA GLN A 64 -3.95 -16.79 40.34
C GLN A 64 -3.79 -16.31 38.88
N GLN A 65 -4.11 -17.16 37.90
CA GLN A 65 -4.03 -16.83 36.45
C GLN A 65 -5.31 -16.10 36.00
N ARG A 66 -6.47 -16.45 36.56
CA ARG A 66 -7.79 -15.86 36.17
C ARG A 66 -7.87 -14.40 36.63
N GLU A 67 -7.29 -14.09 37.80
CA GLU A 67 -7.22 -12.72 38.34
C GLU A 67 -6.25 -11.88 37.47
N ARG A 68 -5.20 -12.48 36.91
CA ARG A 68 -4.23 -11.78 36.02
C ARG A 68 -4.94 -11.36 34.72
N ILE A 69 -5.74 -12.27 34.15
CA ILE A 69 -6.55 -11.99 32.93
C ILE A 69 -7.49 -10.81 33.20
N SER A 70 -8.26 -10.90 34.28
CA SER A 70 -9.27 -9.88 34.65
C SER A 70 -8.54 -8.56 34.93
N ARG A 71 -7.35 -8.61 35.53
CA ARG A 71 -6.53 -7.41 35.86
C ARG A 71 -5.93 -6.82 34.58
N ILE A 72 -5.77 -7.63 33.52
CA ILE A 72 -5.28 -7.13 32.19
C ILE A 72 -6.40 -6.34 31.51
N TYR A 73 -7.57 -6.96 31.37
CA TYR A 73 -8.77 -6.38 30.71
C TYR A 73 -9.23 -5.12 31.44
N ASP A 74 -9.06 -5.07 32.76
CA ASP A 74 -9.48 -3.89 33.57
C ASP A 74 -8.48 -2.76 33.31
N LYS A 75 -7.21 -3.11 33.15
CA LYS A 75 -6.08 -2.16 32.98
C LYS A 75 -6.15 -1.48 31.60
N THR A 76 -6.90 -2.04 30.64
CA THR A 76 -7.00 -1.52 29.24
C THR A 76 -7.72 -0.17 29.21
N ARG A 77 -8.54 0.12 30.23
CA ARG A 77 -9.40 1.33 30.33
C ARG A 77 -10.27 1.41 29.08
N ILE A 78 -10.73 0.25 28.58
CA ILE A 78 -11.71 0.06 27.46
C ILE A 78 -13.02 -0.46 28.05
N ASP A 79 -14.16 0.11 27.65
CA ASP A 79 -15.51 -0.25 28.14
C ASP A 79 -16.21 -1.15 27.12
N THR A 80 -16.10 -0.80 25.84
CA THR A 80 -16.77 -1.51 24.71
C THR A 80 -15.83 -1.57 23.50
N ARG A 81 -16.14 -2.45 22.56
CA ARG A 81 -15.53 -2.52 21.20
C ARG A 81 -16.61 -2.93 20.21
N ARG A 82 -16.35 -2.74 18.92
CA ARG A 82 -17.26 -3.18 17.84
C ARG A 82 -16.55 -4.26 17.03
N MET A 83 -17.16 -5.42 16.90
CA MET A 83 -16.62 -6.58 16.14
C MET A 83 -17.55 -6.87 14.97
N ALA A 84 -16.99 -7.07 13.78
CA ALA A 84 -17.70 -7.55 12.58
C ALA A 84 -18.11 -9.01 12.79
N VAL A 85 -17.24 -9.75 13.48
CA VAL A 85 -17.41 -11.17 13.86
C VAL A 85 -17.38 -11.23 15.40
N ASP A 86 -18.44 -11.73 16.02
CA ASP A 86 -18.55 -11.83 17.50
C ASP A 86 -17.54 -12.86 18.01
N PRO A 87 -16.47 -12.44 18.73
CA PRO A 87 -15.55 -13.38 19.36
C PRO A 87 -16.12 -14.11 20.59
N LEU A 88 -17.11 -13.50 21.27
CA LEU A 88 -17.87 -14.12 22.38
C LEU A 88 -19.04 -14.96 21.85
N ASP A 89 -18.93 -15.50 20.62
CA ASP A 89 -19.93 -16.36 19.95
C ASP A 89 -19.34 -17.76 19.76
N ASP A 90 -19.93 -18.78 20.42
CA ASP A 90 -19.50 -20.20 20.44
C ASP A 90 -19.51 -20.82 19.03
N GLU A 91 -20.39 -20.34 18.14
CA GLU A 91 -20.67 -20.90 16.79
C GLU A 91 -19.39 -20.99 15.96
N PHE A 92 -18.43 -20.07 16.16
CA PHE A 92 -17.19 -19.97 15.33
C PHE A 92 -15.95 -20.26 16.18
N ASP A 93 -16.11 -20.85 17.37
CA ASP A 93 -14.97 -21.34 18.20
C ASP A 93 -14.25 -22.50 17.50
N GLU A 94 -15.02 -23.37 16.81
CA GLU A 94 -14.48 -24.45 15.94
C GLU A 94 -13.49 -23.83 14.95
N PHE A 95 -13.95 -22.83 14.20
CA PHE A 95 -13.23 -22.12 13.11
C PHE A 95 -11.95 -21.43 13.64
N ARG A 96 -12.02 -20.76 14.79
CA ARG A 96 -10.93 -19.90 15.34
C ARG A 96 -9.80 -20.74 15.93
N ARG A 97 -10.07 -22.04 16.18
CA ARG A 97 -9.06 -22.99 16.69
C ARG A 97 -8.43 -23.74 15.51
N GLU A 98 -9.22 -23.98 14.45
CA GLU A 98 -8.82 -24.68 13.20
C GLU A 98 -7.70 -23.91 12.51
N PRO A 99 -6.67 -24.62 11.99
CA PRO A 99 -5.56 -23.98 11.28
C PRO A 99 -5.81 -23.72 9.78
N ALA A 100 -4.93 -22.94 9.15
CA ALA A 100 -4.87 -22.68 7.69
C ALA A 100 -6.17 -22.04 7.20
N THR A 101 -6.60 -20.95 7.81
CA THR A 101 -7.91 -20.30 7.59
C THR A 101 -7.74 -18.88 7.02
N ILE A 102 -6.49 -18.43 6.84
CA ILE A 102 -6.15 -17.05 6.42
C ILE A 102 -7.01 -16.65 5.23
N ARG A 103 -7.06 -17.46 4.17
CA ARG A 103 -7.81 -17.10 2.94
C ARG A 103 -9.27 -16.83 3.30
N ASP A 104 -9.88 -17.71 4.11
CA ASP A 104 -11.31 -17.60 4.52
C ASP A 104 -11.50 -16.28 5.27
N ARG A 105 -10.56 -15.94 6.15
CA ARG A 105 -10.60 -14.70 6.99
C ARG A 105 -10.51 -13.46 6.10
N MET A 106 -9.74 -13.52 5.01
CA MET A 106 -9.60 -12.40 4.05
C MET A 106 -10.91 -12.24 3.28
N ASN A 107 -11.52 -13.35 2.88
CA ASN A 107 -12.88 -13.38 2.28
C ASN A 107 -13.86 -12.80 3.29
N LEU A 108 -13.67 -13.12 4.56
CA LEU A 108 -14.54 -12.65 5.66
C LEU A 108 -14.38 -11.13 5.81
N PHE A 109 -13.14 -10.64 5.73
CA PHE A 109 -12.80 -9.19 5.77
C PHE A 109 -13.53 -8.47 4.63
N TYR A 110 -13.35 -8.92 3.40
CA TYR A 110 -13.97 -8.28 2.20
C TYR A 110 -15.47 -8.13 2.47
N GLN A 111 -16.09 -9.21 2.96
CA GLN A 111 -17.57 -9.39 2.99
C GLN A 111 -18.20 -8.33 3.89
N HIS A 112 -17.55 -8.01 5.02
CA HIS A 112 -18.02 -6.99 6.00
C HIS A 112 -17.54 -5.59 5.62
N ALA A 113 -16.31 -5.49 5.12
CA ALA A 113 -15.62 -4.23 4.81
C ALA A 113 -16.41 -3.41 3.79
N VAL A 114 -16.85 -4.06 2.71
CA VAL A 114 -17.51 -3.34 1.56
C VAL A 114 -18.68 -2.52 2.07
N PRO A 115 -19.76 -3.14 2.63
CA PRO A 115 -20.94 -2.39 3.04
C PRO A 115 -20.62 -1.26 4.04
N LEU A 116 -19.70 -1.52 4.97
CA LEU A 116 -19.26 -0.54 6.00
C LEU A 116 -18.50 0.61 5.31
N ALA A 117 -17.45 0.28 4.55
CA ALA A 117 -16.58 1.23 3.81
C ALA A 117 -17.43 2.20 2.99
N VAL A 118 -18.34 1.67 2.18
CA VAL A 118 -19.19 2.41 1.20
C VAL A 118 -20.12 3.37 1.94
N ASP A 119 -20.71 2.94 3.07
CA ASP A 119 -21.62 3.80 3.85
C ASP A 119 -20.85 5.02 4.39
N VAL A 120 -19.71 4.77 5.05
CA VAL A 120 -18.90 5.82 5.73
C VAL A 120 -18.40 6.82 4.67
N ALA A 121 -17.93 6.33 3.52
CA ALA A 121 -17.45 7.17 2.39
C ALA A 121 -18.59 8.05 1.85
N ALA A 122 -19.76 7.43 1.62
CA ALA A 122 -20.98 8.10 1.13
C ALA A 122 -21.35 9.27 2.07
N ARG A 123 -21.14 9.13 3.38
CA ARG A 123 -21.55 10.14 4.41
C ARG A 123 -20.49 11.24 4.53
N ALA A 124 -19.22 10.93 4.24
CA ALA A 124 -18.11 11.90 4.19
C ALA A 124 -18.32 12.87 3.03
N LEU A 125 -18.91 12.36 1.94
CA LEU A 125 -19.20 13.12 0.68
C LEU A 125 -20.55 13.85 0.77
N ASP A 126 -21.50 13.35 1.58
CA ASP A 126 -22.94 13.74 1.54
C ASP A 126 -23.11 15.19 1.98
N GLY A 127 -22.14 15.73 2.75
CA GLY A 127 -22.17 17.11 3.24
C GLY A 127 -21.87 18.13 2.15
N LEU A 128 -21.45 17.71 0.94
CA LEU A 128 -20.72 18.58 -0.03
C LEU A 128 -21.42 18.59 -1.40
N PRO A 129 -21.15 19.61 -2.25
CA PRO A 129 -21.79 19.74 -3.56
C PRO A 129 -21.69 18.46 -4.41
N ALA A 131 -20.88 16.50 -7.18
CA ALA A 131 -20.05 16.53 -8.41
C ALA A 131 -19.01 15.42 -8.33
N PRO A 132 -19.40 14.14 -8.55
CA PRO A 132 -18.50 13.01 -8.34
C PRO A 132 -17.25 13.08 -9.22
N ASP A 133 -17.32 13.81 -10.34
CA ASP A 133 -16.25 13.92 -11.38
C ASP A 133 -15.11 14.80 -10.88
N GLU A 134 -15.23 15.39 -9.68
CA GLU A 134 -14.18 16.26 -9.05
C GLU A 134 -13.30 15.44 -8.11
N ILE A 135 -13.73 14.23 -7.73
CA ILE A 135 -12.93 13.27 -6.92
C ILE A 135 -11.93 12.58 -7.85
N GLY A 136 -10.63 12.88 -7.70
CA GLY A 136 -9.56 12.42 -8.61
C GLY A 136 -8.73 11.31 -8.03
N GLN A 137 -8.75 11.14 -6.71
CA GLN A 137 -7.92 10.13 -6.00
C GLN A 137 -8.73 9.46 -4.90
N LEU A 138 -8.59 8.14 -4.79
CA LEU A 138 -9.09 7.35 -3.64
C LEU A 138 -7.86 6.68 -3.02
N VAL A 139 -7.63 6.93 -1.73
CA VAL A 139 -6.54 6.26 -0.96
C VAL A 139 -7.21 5.30 0.01
N PHE A 140 -6.94 4.02 -0.11
CA PHE A 140 -7.57 2.97 0.72
C PHE A 140 -6.52 2.39 1.66
N VAL A 141 -6.81 2.45 2.97
CA VAL A 141 -5.87 2.09 4.06
C VAL A 141 -6.44 0.93 4.86
N THR A 142 -5.65 -0.13 5.05
CA THR A 142 -5.98 -1.27 5.96
C THR A 142 -4.69 -2.02 6.31
N SER A 143 -4.61 -2.59 7.51
CA SER A 143 -3.52 -3.53 7.89
C SER A 143 -4.13 -4.84 8.39
N THR A 144 -5.42 -5.07 8.14
CA THR A 144 -6.18 -6.25 8.66
C THR A 144 -6.87 -7.00 7.51
N GLY A 145 -6.58 -6.62 6.26
CA GLY A 145 -7.21 -7.20 5.05
C GLY A 145 -6.24 -7.25 3.89
N PHE A 146 -6.27 -8.33 3.11
CA PHE A 146 -5.39 -8.57 1.92
C PHE A 146 -6.12 -9.41 0.87
N ILE A 147 -6.73 -8.73 -0.11
CA ILE A 147 -7.55 -9.38 -1.16
C ILE A 147 -7.66 -8.39 -2.33
N ALA A 148 -7.49 -8.87 -3.56
CA ALA A 148 -7.62 -8.07 -4.80
C ALA A 148 -8.44 -8.86 -5.82
N PRO A 149 -9.36 -8.23 -6.57
CA PRO A 149 -9.68 -6.82 -6.41
C PRO A 149 -10.44 -6.61 -5.09
N GLY A 150 -10.17 -5.51 -4.39
CA GLY A 150 -10.62 -5.29 -3.00
C GLY A 150 -11.73 -4.27 -2.88
N VAL A 151 -11.76 -3.60 -1.74
CA VAL A 151 -12.88 -2.72 -1.29
C VAL A 151 -12.84 -1.41 -2.09
N ASP A 152 -11.63 -0.92 -2.38
CA ASP A 152 -11.40 0.33 -3.17
C ASP A 152 -12.24 0.26 -4.45
N VAL A 153 -12.25 -0.90 -5.12
CA VAL A 153 -13.02 -1.14 -6.38
C VAL A 153 -14.53 -1.01 -6.09
N GLU A 154 -15.04 -1.73 -5.09
CA GLU A 154 -16.48 -1.70 -4.76
C GLU A 154 -16.88 -0.28 -4.33
N ILE A 155 -16.01 0.43 -3.62
CA ILE A 155 -16.24 1.87 -3.29
C ILE A 155 -16.51 2.64 -4.58
N VAL A 156 -15.64 2.49 -5.58
CA VAL A 156 -15.71 3.26 -6.85
C VAL A 156 -17.06 2.97 -7.50
N LYS A 157 -17.37 1.68 -7.71
CA LYS A 157 -18.58 1.20 -8.41
C LYS A 157 -19.84 1.70 -7.68
N GLN A 158 -20.01 1.31 -6.42
CA GLN A 158 -21.27 1.56 -5.66
C GLN A 158 -21.50 3.04 -5.40
N LEU A 159 -20.47 3.89 -5.40
CA LEU A 159 -20.61 5.36 -5.19
C LEU A 159 -20.66 6.08 -6.54
N GLY A 160 -20.43 5.36 -7.64
CA GLY A 160 -20.41 5.95 -9.00
C GLY A 160 -19.35 7.03 -9.12
N LEU A 161 -18.19 6.83 -8.50
CA LEU A 161 -16.98 7.67 -8.72
C LEU A 161 -16.46 7.40 -10.12
N PRO A 162 -15.65 8.34 -10.70
CA PRO A 162 -15.12 8.16 -12.05
C PRO A 162 -14.31 6.88 -12.23
N ARG A 163 -14.52 6.17 -13.34
CA ARG A 163 -13.76 4.94 -13.69
C ARG A 163 -12.28 5.28 -13.89
N SER A 164 -11.97 6.56 -14.08
CA SER A 164 -10.59 7.07 -14.34
C SER A 164 -9.89 7.52 -13.05
N ILE A 165 -10.47 7.25 -11.87
CA ILE A 165 -9.95 7.76 -10.56
C ILE A 165 -8.63 7.06 -10.22
N SER A 166 -7.64 7.82 -9.75
CA SER A 166 -6.34 7.32 -9.23
C SER A 166 -6.57 6.56 -7.93
N ARG A 167 -6.11 5.32 -7.82
CA ARG A 167 -6.28 4.49 -6.61
C ARG A 167 -4.92 4.11 -6.04
N VAL A 168 -4.75 4.24 -4.73
CA VAL A 168 -3.52 3.84 -4.00
C VAL A 168 -3.95 3.01 -2.79
N VAL A 169 -3.39 1.82 -2.63
CA VAL A 169 -3.73 0.88 -1.52
C VAL A 169 -2.53 0.86 -0.58
N VAL A 170 -2.67 1.46 0.60
CA VAL A 170 -1.58 1.57 1.62
C VAL A 170 -1.81 0.47 2.67
N ASN A 171 -0.91 -0.50 2.76
CA ASN A 171 -1.10 -1.69 3.62
C ASN A 171 0.08 -1.84 4.58
N PHE A 172 -0.17 -2.42 5.75
CA PHE A 172 0.85 -2.85 6.75
C PHE A 172 1.71 -1.64 7.18
N MET A 173 1.12 -0.45 7.25
CA MET A 173 1.80 0.75 7.80
C MET A 173 1.24 1.05 9.19
N GLY A 174 0.47 0.11 9.75
CA GLY A 174 0.06 0.09 11.18
C GLY A 174 -0.96 1.15 11.54
N CYS A 175 -0.78 1.77 12.70
CA CYS A 175 -1.77 2.69 13.33
C CYS A 175 -1.58 4.12 12.81
N ALA A 176 -0.41 4.41 12.24
CA ALA A 176 -0.07 5.76 11.75
C ALA A 176 -0.34 5.83 10.25
N ALA A 177 -1.05 4.86 9.67
CA ALA A 177 -1.24 4.72 8.22
C ALA A 177 -2.14 5.84 7.66
N ALA A 178 -3.07 6.36 8.46
CA ALA A 178 -3.96 7.49 8.09
C ALA A 178 -3.13 8.75 7.84
N MET A 179 -2.04 8.93 8.59
CA MET A 179 -1.11 10.09 8.47
C MET A 179 -0.38 10.00 7.12
N ASN A 180 0.08 8.80 6.74
CA ASN A 180 0.75 8.54 5.44
C ASN A 180 -0.26 8.76 4.29
N ALA A 181 -1.51 8.34 4.49
CA ALA A 181 -2.62 8.48 3.49
C ALA A 181 -2.94 9.96 3.29
N ILE A 182 -3.16 10.70 4.37
CA ILE A 182 -3.44 12.17 4.32
C ILE A 182 -2.30 12.87 3.57
N ARG A 183 -1.05 12.57 3.91
CA ARG A 183 0.13 13.17 3.24
C ARG A 183 0.05 12.89 1.74
N THR A 184 -0.32 11.68 1.33
CA THR A 184 -0.46 11.26 -0.09
C THR A 184 -1.57 12.07 -0.76
N ALA A 185 -2.72 12.21 -0.08
CA ALA A 185 -3.91 12.97 -0.55
C ALA A 185 -3.54 14.45 -0.71
N THR A 186 -2.85 15.01 0.28
CA THR A 186 -2.32 16.40 0.30
C THR A 186 -1.46 16.63 -0.94
N ASN A 187 -0.56 15.71 -1.26
CA ASN A 187 0.35 15.85 -2.43
C ASN A 187 -0.50 15.90 -3.69
N TYR A 188 -1.56 15.09 -3.74
CA TYR A 188 -2.45 14.97 -4.93
C TYR A 188 -3.12 16.32 -5.19
N VAL A 189 -3.90 16.80 -4.22
CA VAL A 189 -4.76 18.00 -4.38
C VAL A 189 -3.88 19.24 -4.54
N ARG A 190 -2.68 19.27 -3.97
CA ARG A 190 -1.72 20.40 -4.13
C ARG A 190 -1.13 20.42 -5.55
N ALA A 191 -1.04 19.28 -6.23
CA ALA A 191 -0.58 19.17 -7.63
C ALA A 191 -1.78 19.28 -8.59
N HIS A 192 -3.00 19.12 -8.10
CA HIS A 192 -4.28 19.14 -8.88
C HIS A 192 -5.33 19.91 -8.10
N PRO A 193 -5.17 21.24 -7.93
CA PRO A 193 -6.04 22.02 -7.04
C PRO A 193 -7.54 21.98 -7.35
N SER A 194 -7.91 21.77 -8.62
CA SER A 194 -9.32 21.61 -9.05
C SER A 194 -9.93 20.35 -8.43
N MET A 195 -9.09 19.35 -8.11
CA MET A 195 -9.52 17.97 -7.77
C MET A 195 -9.54 17.79 -6.26
N LYS A 196 -10.35 16.82 -5.80
CA LYS A 196 -10.43 16.38 -4.39
C LYS A 196 -9.91 14.93 -4.29
N ALA A 197 -9.43 14.55 -3.11
CA ALA A 197 -9.00 13.18 -2.77
C ALA A 197 -9.92 12.63 -1.68
N LEU A 198 -10.24 11.34 -1.79
CA LEU A 198 -11.05 10.59 -0.81
C LEU A 198 -10.14 9.59 -0.10
N VAL A 199 -9.95 9.74 1.21
CA VAL A 199 -9.17 8.79 2.04
C VAL A 199 -10.15 7.91 2.80
N VAL A 200 -10.09 6.59 2.63
CA VAL A 200 -10.93 5.63 3.37
C VAL A 200 -10.02 4.64 4.11
N CYS A 201 -10.13 4.62 5.43
CA CYS A 201 -9.45 3.64 6.32
C CYS A 201 -10.49 2.70 6.89
N ILE A 202 -10.22 1.40 6.85
CA ILE A 202 -11.09 0.40 7.52
C ILE A 202 -10.20 -0.66 8.14
N GLU A 203 -10.45 -0.96 9.41
CA GLU A 203 -9.74 -2.01 10.18
C GLU A 203 -10.80 -2.92 10.79
N LEU A 204 -10.70 -4.22 10.53
CA LEU A 204 -11.53 -5.28 11.16
C LEU A 204 -10.59 -6.26 11.88
N SER A 205 -10.07 -5.88 13.04
CA SER A 205 -9.21 -6.74 13.88
C SER A 205 -9.92 -8.07 14.18
N SER A 206 -11.24 -8.02 14.38
CA SER A 206 -12.09 -9.17 14.78
C SER A 206 -11.93 -10.36 13.81
N VAL A 207 -11.68 -10.08 12.53
CA VAL A 207 -11.58 -11.11 11.45
C VAL A 207 -10.29 -11.91 11.64
N ASN A 208 -9.36 -11.47 12.49
CA ASN A 208 -8.02 -12.09 12.67
C ASN A 208 -7.90 -12.67 14.09
N ALA A 209 -9.02 -12.79 14.81
CA ALA A 209 -9.06 -13.25 16.22
C ALA A 209 -8.84 -14.77 16.28
N VAL A 210 -7.98 -15.20 17.20
CA VAL A 210 -7.55 -16.62 17.40
C VAL A 210 -7.50 -16.86 18.91
N PHE A 211 -7.38 -18.12 19.33
CA PHE A 211 -7.14 -18.49 20.76
C PHE A 211 -5.63 -18.28 21.03
N ALA A 212 -5.31 -17.63 22.15
CA ALA A 212 -3.95 -17.17 22.52
C ALA A 212 -3.01 -18.34 22.75
N ASP A 213 -1.70 -18.14 22.49
CA ASP A 213 -0.59 -18.99 23.00
C ASP A 213 0.19 -18.20 24.06
N ASP A 214 0.67 -17.00 23.72
CA ASP A 214 1.57 -16.16 24.55
C ASP A 214 0.80 -15.03 25.27
N ILE A 215 1.50 -14.30 26.13
CA ILE A 215 0.98 -13.10 26.85
C ILE A 215 0.53 -12.05 25.83
N ASN A 216 1.46 -11.66 24.93
CA ASN A 216 1.23 -10.69 23.84
C ASN A 216 -0.14 -10.97 23.21
N ASP A 217 -0.41 -12.24 22.89
CA ASP A 217 -1.66 -12.65 22.19
C ASP A 217 -2.85 -12.14 22.99
N VAL A 218 -2.90 -12.41 24.29
CA VAL A 218 -4.04 -12.03 25.18
C VAL A 218 -4.14 -10.50 25.24
N VAL A 219 -3.00 -9.82 25.40
CA VAL A 219 -2.91 -8.32 25.43
C VAL A 219 -3.47 -7.75 24.12
N ILE A 220 -3.02 -8.26 22.98
CA ILE A 220 -3.51 -7.87 21.62
C ILE A 220 -5.03 -8.05 21.61
N HIS A 221 -5.51 -9.24 21.99
CA HIS A 221 -6.94 -9.60 21.93
C HIS A 221 -7.76 -8.73 22.89
N SER A 222 -7.12 -8.11 23.88
CA SER A 222 -7.79 -7.25 24.90
C SER A 222 -7.99 -5.81 24.38
N LEU A 223 -7.22 -5.37 23.38
CA LEU A 223 -7.14 -3.94 22.95
C LEU A 223 -7.88 -3.69 21.63
N PHE A 224 -7.64 -4.52 20.62
CA PHE A 224 -7.99 -4.19 19.21
C PHE A 224 -9.50 -4.33 18.97
N GLY A 225 -10.08 -3.34 18.31
CA GLY A 225 -11.47 -3.35 17.83
C GLY A 225 -11.56 -2.97 16.36
N ASP A 226 -12.77 -2.73 15.86
CA ASP A 226 -13.10 -2.50 14.43
C ASP A 226 -13.71 -1.12 14.24
N GLY A 227 -13.47 -0.52 13.07
CA GLY A 227 -14.01 0.80 12.72
C GLY A 227 -13.67 1.16 11.29
N CYS A 228 -14.33 2.18 10.77
CA CYS A 228 -14.07 2.79 9.44
C CYS A 228 -14.14 4.30 9.58
N GLY A 229 -13.23 5.00 8.90
CA GLY A 229 -13.26 6.47 8.76
C GLY A 229 -12.99 6.88 7.34
N ALA A 230 -13.55 8.02 6.91
CA ALA A 230 -13.36 8.56 5.55
C ALA A 230 -13.20 10.07 5.63
N LEU A 231 -12.34 10.60 4.76
CA LEU A 231 -11.99 12.04 4.65
C LEU A 231 -12.14 12.46 3.20
N VAL A 232 -12.55 13.70 2.98
CA VAL A 232 -12.53 14.36 1.65
C VAL A 232 -11.64 15.57 1.79
N ILE A 233 -10.56 15.61 1.03
CA ILE A 233 -9.49 16.64 1.14
C ILE A 233 -9.46 17.42 -0.17
N GLY A 234 -9.40 18.74 -0.07
CA GLY A 234 -9.26 19.66 -1.21
C GLY A 234 -8.18 20.66 -0.94
N ALA A 235 -7.79 21.44 -1.96
CA ALA A 235 -6.75 22.49 -1.88
C ALA A 235 -7.45 23.84 -1.77
N SER A 236 -6.88 24.74 -0.97
CA SER A 236 -7.29 26.16 -0.82
C SER A 236 -6.06 27.04 -0.99
N GLN A 237 -6.25 28.20 -1.62
CA GLN A 237 -5.30 29.35 -1.60
C GLN A 237 -5.15 29.77 -0.14
N VAL A 238 -3.91 30.06 0.28
CA VAL A 238 -3.56 30.47 1.68
C VAL A 238 -4.33 31.76 2.02
N GLN A 239 -4.82 31.88 3.25
CA GLN A 239 -5.48 33.10 3.81
C GLN A 239 -6.93 33.22 3.31
N GLN A 240 -7.35 32.45 2.28
CA GLN A 240 -8.75 32.42 1.79
C GLN A 240 -9.66 31.95 2.92
N PRO A 241 -10.88 32.51 3.07
CA PRO A 241 -11.79 32.12 4.18
C PRO A 241 -12.40 30.73 4.00
N LEU A 242 -12.70 30.03 5.11
CA LEU A 242 -13.15 28.62 5.11
C LEU A 242 -14.28 28.42 6.11
N PRO A 243 -15.31 27.60 5.78
CA PRO A 243 -16.41 27.34 6.72
C PRO A 243 -15.93 26.65 8.01
N ALA A 244 -16.64 26.91 9.11
CA ALA A 244 -16.41 26.29 10.45
C ALA A 244 -16.47 24.77 10.30
N GLY A 245 -15.50 24.06 10.91
CA GLY A 245 -15.44 22.58 10.88
C GLY A 245 -14.38 22.07 9.92
N ASN A 246 -14.02 22.85 8.90
CA ASN A 246 -12.85 22.52 8.04
C ASN A 246 -11.61 22.41 8.93
N VAL A 247 -10.72 21.48 8.59
CA VAL A 247 -9.41 21.25 9.26
C VAL A 247 -8.32 21.54 8.22
N VAL A 248 -7.45 22.50 8.53
CA VAL A 248 -6.29 22.86 7.68
C VAL A 248 -5.12 21.97 8.10
N ILE A 249 -4.60 21.17 7.18
CA ILE A 249 -3.35 20.38 7.39
C ILE A 249 -2.18 21.31 7.07
N ARG A 250 -1.52 21.81 8.11
CA ARG A 250 -0.47 22.86 7.99
C ARG A 250 0.86 22.20 7.62
N SER A 251 1.17 21.09 8.30
CA SER A 251 2.51 20.47 8.32
C SER A 251 2.37 18.98 8.64
N SER A 252 3.34 18.19 8.23
CA SER A 252 3.26 16.72 8.35
C SER A 252 4.67 16.22 8.59
N PHE A 253 4.86 15.26 9.48
CA PHE A 253 6.21 14.85 9.93
C PHE A 253 6.25 13.35 10.18
N SER A 254 7.42 12.78 9.95
CA SER A 254 7.78 11.34 10.00
C SER A 254 9.09 11.24 10.79
N GLN A 255 9.38 10.10 11.41
CA GLN A 255 10.70 9.89 12.02
C GLN A 255 10.92 8.42 12.32
N LEU A 256 11.74 7.76 11.53
CA LEU A 256 12.23 6.38 11.81
C LEU A 256 13.26 6.48 12.93
N LEU A 257 13.08 5.74 14.02
CA LEU A 257 13.98 5.82 15.20
C LEU A 257 14.99 4.68 15.12
N ASP A 258 16.04 4.75 15.94
CA ASP A 258 17.12 3.74 15.94
C ASP A 258 16.82 2.69 17.01
N ASP A 259 17.22 1.44 16.75
CA ASP A 259 17.17 0.32 17.73
C ASP A 259 15.75 0.24 18.28
N SER A 260 14.77 0.10 17.38
CA SER A 260 13.33 0.04 17.73
C SER A 260 12.58 -0.92 16.79
N GLU A 261 13.31 -1.77 16.04
CA GLU A 261 12.72 -2.67 15.01
C GLU A 261 11.69 -3.58 15.67
N ASP A 262 12.01 -4.08 16.87
CA ASP A 262 11.18 -5.00 17.69
C ASP A 262 9.90 -4.32 18.17
N GLY A 263 9.90 -2.99 18.32
CA GLY A 263 8.81 -2.18 18.87
C GLY A 263 7.44 -2.65 18.37
N ILE A 264 7.19 -2.53 17.07
CA ILE A 264 5.91 -2.97 16.45
C ILE A 264 6.24 -3.86 15.25
N VAL A 265 5.69 -5.06 15.24
CA VAL A 265 5.93 -6.10 14.21
C VAL A 265 4.58 -6.64 13.75
N LEU A 266 4.38 -6.66 12.43
CA LEU A 266 3.16 -7.21 11.78
C LEU A 266 3.59 -8.34 10.88
N GLY A 267 2.86 -9.46 10.96
CA GLY A 267 3.12 -10.67 10.19
C GLY A 267 1.82 -11.31 9.73
N VAL A 268 1.87 -12.13 8.69
CA VAL A 268 0.70 -12.91 8.21
C VAL A 268 0.91 -14.37 8.63
N ASN A 269 -0.01 -14.91 9.43
CA ASN A 269 0.03 -16.33 9.85
C ASN A 269 -0.99 -17.13 9.04
N HIS A 270 -0.88 -18.45 9.09
CA HIS A 270 -1.83 -19.40 8.47
C HIS A 270 -3.24 -19.16 9.00
N ASP A 271 -3.37 -18.66 10.23
CA ASP A 271 -4.67 -18.50 10.95
C ASP A 271 -5.02 -17.02 11.17
N GLY A 272 -4.44 -16.11 10.37
CA GLY A 272 -4.79 -14.67 10.38
C GLY A 272 -3.57 -13.77 10.52
N ILE A 273 -3.76 -12.48 10.26
CA ILE A 273 -2.75 -11.40 10.46
C ILE A 273 -2.53 -11.23 11.96
N THR A 274 -1.28 -10.96 12.35
CA THR A 274 -0.85 -10.85 13.77
C THR A 274 -0.14 -9.52 13.99
N CYS A 275 -0.07 -9.11 15.25
CA CYS A 275 0.68 -7.92 15.72
C CYS A 275 1.49 -8.31 16.97
N GLU A 276 2.76 -7.93 17.01
CA GLU A 276 3.68 -8.20 18.13
C GLU A 276 4.26 -6.87 18.61
N LEU A 277 4.06 -6.56 19.88
CA LEU A 277 4.49 -5.29 20.53
C LEU A 277 5.52 -5.62 21.59
N SER A 278 6.73 -5.10 21.43
CA SER A 278 7.85 -5.20 22.40
C SER A 278 7.41 -4.65 23.77
N GLU A 279 7.96 -5.24 24.85
CA GLU A 279 7.83 -4.74 26.24
C GLU A 279 8.53 -3.39 26.33
N ASN A 280 9.44 -3.10 25.39
CA ASN A 280 10.27 -1.87 25.34
C ASN A 280 9.57 -0.76 24.54
N LEU A 281 8.40 -1.04 23.96
CA LEU A 281 7.68 -0.06 23.10
C LEU A 281 7.39 1.20 23.90
N PRO A 282 6.79 1.13 25.12
CA PRO A 282 6.56 2.33 25.92
C PRO A 282 7.82 3.18 26.16
N SER A 283 8.97 2.53 26.30
CA SER A 283 10.27 3.20 26.53
C SER A 283 10.69 3.95 25.26
N TYR A 284 10.48 3.35 24.08
CA TYR A 284 10.78 3.98 22.76
C TYR A 284 9.91 5.23 22.58
N ILE A 285 8.64 5.14 22.98
CA ILE A 285 7.66 6.24 22.87
C ILE A 285 8.08 7.38 23.79
N TYR A 286 8.40 7.08 25.05
CA TYR A 286 8.84 8.11 26.02
C TYR A 286 10.03 8.87 25.45
N ARG A 287 11.02 8.14 24.92
CA ARG A 287 12.31 8.68 24.40
C ARG A 287 12.11 9.60 23.19
N SER A 288 11.21 9.23 22.29
CA SER A 288 11.17 9.72 20.89
C SER A 288 10.23 10.93 20.74
N VAL A 289 9.03 10.87 21.31
CA VAL A 289 7.91 11.82 21.03
C VAL A 289 8.41 13.27 21.17
N ASP A 290 8.95 13.65 22.33
CA ASP A 290 9.28 15.06 22.65
C ASP A 290 10.27 15.63 21.64
N PRO A 291 11.48 15.05 21.45
CA PRO A 291 12.43 15.57 20.47
C PRO A 291 11.80 15.77 19.07
N VAL A 292 11.04 14.79 18.59
CA VAL A 292 10.36 14.83 17.27
C VAL A 292 9.39 16.01 17.24
N VAL A 293 8.45 16.06 18.19
CA VAL A 293 7.37 17.09 18.23
C VAL A 293 8.01 18.46 18.47
N ALA A 294 9.01 18.53 19.35
CA ALA A 294 9.77 19.77 19.65
C ALA A 294 10.39 20.34 18.38
N GLU A 295 11.16 19.53 17.64
CA GLU A 295 11.84 19.98 16.40
C GLU A 295 10.78 20.51 15.43
N MET A 296 9.71 19.74 15.23
CA MET A 296 8.62 20.04 14.27
C MET A 296 8.02 21.41 14.61
N LEU A 297 7.57 21.60 15.86
CA LEU A 297 6.99 22.88 16.33
C LEU A 297 7.97 24.04 16.10
N ARG A 298 9.23 23.87 16.50
CA ARG A 298 10.27 24.90 16.28
C ARG A 298 10.27 25.28 14.79
N ASP A 299 10.23 24.29 13.90
CA ASP A 299 10.29 24.48 12.42
C ASP A 299 9.09 25.29 11.93
N ASN A 300 7.96 25.25 12.64
CA ASN A 300 6.73 26.01 12.29
C ASN A 300 6.58 27.24 13.19
N GLY A 301 7.62 27.59 13.96
CA GLY A 301 7.64 28.75 14.87
C GLY A 301 6.57 28.64 15.95
N LEU A 302 6.48 27.49 16.63
CA LEU A 302 5.53 27.26 17.75
C LEU A 302 6.27 26.63 18.93
N SER A 303 5.69 26.81 20.12
CA SER A 303 6.00 26.04 21.36
C SER A 303 4.81 25.16 21.71
N LYS A 304 4.99 24.23 22.66
CA LYS A 304 3.91 23.31 23.12
C LYS A 304 2.74 24.12 23.72
N ALA A 305 3.00 25.34 24.17
CA ALA A 305 2.00 26.22 24.82
C ALA A 305 1.06 26.83 23.77
N ASP A 306 1.36 26.68 22.48
CA ASP A 306 0.52 27.17 21.36
C ASP A 306 -0.48 26.09 20.92
N ILE A 307 -0.32 24.84 21.36
CA ILE A 307 -1.18 23.69 20.96
C ILE A 307 -2.41 23.67 21.88
N ASP A 308 -3.59 23.66 21.30
CA ASP A 308 -4.90 23.61 21.98
C ASP A 308 -5.39 22.17 22.00
N LEU A 309 -5.01 21.36 21.01
CA LEU A 309 -5.55 19.98 20.80
C LEU A 309 -4.37 19.00 20.67
N TRP A 310 -4.35 17.97 21.51
CA TRP A 310 -3.39 16.84 21.39
C TRP A 310 -4.16 15.58 21.02
N ALA A 311 -4.08 15.21 19.74
CA ALA A 311 -4.65 13.98 19.16
C ALA A 311 -3.58 12.88 19.21
N ILE A 312 -3.27 12.40 20.40
CA ILE A 312 -2.38 11.23 20.63
C ILE A 312 -3.15 9.99 20.20
N HIS A 313 -2.53 9.11 19.41
CA HIS A 313 -3.16 7.85 18.94
C HIS A 313 -3.59 7.05 20.17
N PRO A 314 -4.90 6.74 20.31
CA PRO A 314 -5.38 5.88 21.39
C PRO A 314 -5.14 4.40 21.08
N GLY A 315 -3.89 3.96 21.21
CA GLY A 315 -3.46 2.57 20.96
C GLY A 315 -3.64 1.70 22.18
N GLY A 316 -3.31 2.27 23.35
CA GLY A 316 -3.49 1.65 24.67
C GLY A 316 -3.27 2.70 25.76
N PRO A 317 -3.57 2.39 27.03
CA PRO A 317 -3.30 3.31 28.12
C PRO A 317 -1.81 3.72 28.15
N LYS A 318 -0.91 2.75 27.96
CA LYS A 318 0.56 2.93 28.02
C LYS A 318 1.02 3.92 26.95
N ILE A 319 0.43 3.85 25.76
CA ILE A 319 0.79 4.69 24.59
C ILE A 319 0.34 6.13 24.86
N ILE A 320 -0.88 6.32 25.34
CA ILE A 320 -1.39 7.68 25.70
C ILE A 320 -0.56 8.23 26.87
N GLU A 321 -0.34 7.42 27.91
CA GLU A 321 0.39 7.79 29.16
C GLU A 321 1.82 8.24 28.80
N GLN A 322 2.58 7.40 28.10
CA GLN A 322 4.03 7.61 27.81
C GLN A 322 4.19 8.77 26.81
N SER A 323 3.25 8.94 25.89
CA SER A 323 3.21 10.06 24.93
C SER A 323 3.09 11.38 25.69
N ALA A 324 2.11 11.48 26.58
CA ALA A 324 1.85 12.64 27.46
C ALA A 324 3.07 12.92 28.36
N ARG A 325 3.60 11.91 29.05
CA ARG A 325 4.76 12.05 29.97
C ARG A 325 5.97 12.59 29.18
N SER A 326 6.21 12.07 27.98
CA SER A 326 7.29 12.57 27.08
C SER A 326 7.10 14.07 26.81
N LEU A 327 5.89 14.47 26.43
CA LEU A 327 5.51 15.87 26.10
C LEU A 327 5.50 16.74 27.36
N GLY A 328 5.40 16.15 28.53
CA GLY A 328 5.31 16.88 29.80
C GLY A 328 4.00 17.62 29.92
N ILE A 329 2.90 17.01 29.46
CA ILE A 329 1.51 17.51 29.63
C ILE A 329 0.76 16.52 30.51
N PRO A 330 -0.23 16.96 31.31
CA PRO A 330 -1.05 16.04 32.09
C PRO A 330 -1.65 14.95 31.20
N VAL A 331 -1.66 13.68 31.67
CA VAL A 331 -2.13 12.50 30.87
C VAL A 331 -3.57 12.73 30.41
N GLY A 332 -4.41 13.37 31.24
CA GLY A 332 -5.84 13.59 30.96
C GLY A 332 -6.09 14.72 29.97
N ARG A 333 -5.06 15.46 29.54
CA ARG A 333 -5.22 16.58 28.57
C ARG A 333 -5.79 16.03 27.26
N ALA A 334 -5.35 14.84 26.82
CA ALA A 334 -5.84 14.18 25.59
C ALA A 334 -7.13 13.43 25.91
N VAL A 335 -8.22 14.16 26.16
CA VAL A 335 -9.50 13.60 26.64
C VAL A 335 -10.17 12.83 25.50
N GLN A 336 -10.16 13.35 24.26
CA GLN A 336 -10.78 12.69 23.08
C GLN A 336 -10.10 11.35 22.78
N SER A 337 -8.79 11.23 23.03
CA SER A 337 -8.02 9.98 22.86
C SER A 337 -8.55 8.94 23.85
N TRP A 338 -8.68 9.34 25.11
CA TRP A 338 -9.19 8.48 26.21
C TRP A 338 -10.62 8.03 25.91
N ASP A 339 -11.45 8.92 25.35
CA ASP A 339 -12.90 8.70 25.07
C ASP A 339 -13.04 7.68 23.94
N VAL A 340 -12.18 7.77 22.91
CA VAL A 340 -12.20 6.86 21.73
C VAL A 340 -11.75 5.47 22.17
N LEU A 341 -10.66 5.38 22.93
CA LEU A 341 -10.18 4.10 23.55
C LEU A 341 -11.33 3.45 24.31
N ALA A 342 -11.93 4.19 25.24
CA ALA A 342 -13.00 3.74 26.15
C ALA A 342 -14.16 3.12 25.36
N GLN A 343 -14.57 3.74 24.25
CA GLN A 343 -15.82 3.40 23.51
C GLN A 343 -15.58 2.39 22.37
N PHE A 344 -14.36 2.32 21.83
CA PHE A 344 -14.05 1.57 20.57
C PHE A 344 -12.78 0.73 20.65
N GLY A 345 -11.92 0.97 21.64
CA GLY A 345 -10.58 0.37 21.76
C GLY A 345 -9.62 0.89 20.70
N ASN A 346 -8.61 0.09 20.35
CA ASN A 346 -7.62 0.42 19.29
C ASN A 346 -8.14 -0.04 17.92
N MET A 347 -8.41 0.91 17.02
CA MET A 347 -8.87 0.62 15.64
C MET A 347 -7.76 0.96 14.64
N LEU A 348 -6.50 0.95 15.08
CA LEU A 348 -5.29 1.19 14.24
C LEU A 348 -5.46 2.50 13.45
N SER A 349 -5.42 2.44 12.11
CA SER A 349 -5.40 3.62 11.20
C SER A 349 -6.60 4.52 11.47
N VAL A 350 -7.75 3.94 11.79
CA VAL A 350 -9.07 4.62 11.89
C VAL A 350 -9.12 5.50 13.14
N SER A 351 -8.46 5.06 14.21
CA SER A 351 -8.58 5.67 15.57
C SER A 351 -8.45 7.19 15.48
N LEU A 352 -7.55 7.72 14.67
CA LEU A 352 -7.24 9.17 14.68
C LEU A 352 -8.30 9.97 13.92
N ILE A 353 -9.02 9.38 12.98
CA ILE A 353 -10.16 10.03 12.28
C ILE A 353 -11.30 10.22 13.30
N PHE A 354 -11.47 9.26 14.21
CA PHE A 354 -12.48 9.31 15.30
C PHE A 354 -12.15 10.46 16.24
N VAL A 355 -10.87 10.57 16.64
CA VAL A 355 -10.38 11.63 17.56
C VAL A 355 -10.62 12.99 16.88
N LEU A 356 -10.28 13.10 15.60
CA LEU A 356 -10.44 14.37 14.84
C LEU A 356 -11.93 14.76 14.81
N GLU A 357 -12.83 13.81 14.51
CA GLU A 357 -14.29 14.07 14.42
C GLU A 357 -14.78 14.66 15.75
N MET A 358 -14.37 14.07 16.87
CA MET A 358 -14.72 14.53 18.24
C MET A 358 -14.26 15.98 18.42
N MET A 359 -13.04 16.30 17.99
CA MET A 359 -12.41 17.63 18.21
C MET A 359 -13.17 18.66 17.38
N VAL A 360 -13.57 18.30 16.16
CA VAL A 360 -14.40 19.17 15.30
C VAL A 360 -15.77 19.36 15.97
N ALA A 361 -16.36 18.27 16.50
CA ALA A 361 -17.75 18.23 17.02
C ALA A 361 -17.86 19.03 18.32
N GLN A 362 -16.89 18.93 19.22
CA GLN A 362 -16.93 19.61 20.54
C GLN A 362 -15.70 20.50 20.69
N ALA A 363 -15.85 21.79 20.38
CA ALA A 363 -14.84 22.85 20.57
C ALA A 363 -14.38 22.86 22.03
N GLU A 364 -13.07 23.05 22.24
CA GLU A 364 -12.38 23.02 23.57
C GLU A 364 -12.38 24.41 24.21
N SER A 365 -12.64 25.48 23.43
CA SER A 365 -12.57 26.87 23.93
C SER A 365 -13.29 27.84 22.97
N ASP A 366 -13.05 29.15 23.14
CA ASP A 366 -13.77 30.27 22.47
C ASP A 366 -13.02 30.70 21.20
N LYS A 367 -11.74 30.30 21.07
CA LYS A 367 -10.83 30.73 19.98
C LYS A 367 -11.48 30.43 18.63
N PRO A 368 -11.32 31.32 17.62
CA PRO A 368 -11.91 31.10 16.29
C PRO A 368 -11.18 30.05 15.43
N ILE A 369 -9.91 29.78 15.74
CA ILE A 369 -9.10 28.65 15.20
C ILE A 369 -8.48 27.90 16.39
N SER A 370 -8.59 26.58 16.40
CA SER A 370 -7.89 25.66 17.33
C SER A 370 -6.72 25.00 16.59
N THR A 371 -5.50 25.19 17.09
CA THR A 371 -4.25 24.53 16.61
C THR A 371 -4.08 23.19 17.34
N GLY A 372 -3.66 22.16 16.61
CA GLY A 372 -3.59 20.78 17.14
C GLY A 372 -2.40 20.02 16.57
N VAL A 373 -1.99 18.97 17.29
CA VAL A 373 -0.96 18.00 16.82
C VAL A 373 -1.59 16.62 16.95
N ALA A 374 -1.50 15.84 15.88
CA ALA A 374 -1.87 14.41 15.85
C ALA A 374 -0.59 13.63 15.60
N PHE A 375 -0.40 12.50 16.27
CA PHE A 375 0.67 11.53 15.92
C PHE A 375 0.29 10.12 16.38
N ALA A 376 1.00 9.16 15.78
CA ALA A 376 0.81 7.71 15.96
C ALA A 376 2.13 7.01 15.65
N PHE A 377 2.21 5.72 15.98
CA PHE A 377 3.42 4.88 15.86
C PHE A 377 3.15 3.76 14.86
N ALA A 378 4.11 3.54 13.96
CA ALA A 378 4.06 2.47 12.94
C ALA A 378 5.30 1.58 13.11
N PRO A 379 5.30 0.37 12.50
CA PRO A 379 6.52 -0.45 12.44
C PRO A 379 7.78 0.38 12.13
N GLY A 380 8.89 0.15 12.81
CA GLY A 380 10.17 0.84 12.53
C GLY A 380 11.16 0.87 13.69
N VAL A 381 10.79 1.53 14.81
CA VAL A 381 9.53 2.22 14.97
C VAL A 381 9.60 3.59 14.29
N THR A 382 8.49 4.04 13.70
CA THR A 382 8.30 5.37 13.06
C THR A 382 7.25 6.18 13.82
N VAL A 383 7.51 7.48 14.00
CA VAL A 383 6.53 8.49 14.51
C VAL A 383 6.03 9.30 13.32
N GLU A 384 4.73 9.20 13.02
CA GLU A 384 4.04 10.00 11.98
C GLU A 384 3.09 10.96 12.68
N GLY A 385 2.90 12.19 12.17
CA GLY A 385 1.95 13.15 12.76
C GLY A 385 1.64 14.32 11.85
N MET A 386 0.65 15.13 12.20
CA MET A 386 0.33 16.42 11.56
C MET A 386 0.24 17.52 12.61
N LEU A 387 0.66 18.72 12.20
CA LEU A 387 0.17 20.01 12.73
C LEU A 387 -1.08 20.38 11.93
N PHE A 388 -2.16 20.77 12.59
CA PHE A 388 -3.46 21.13 11.94
C PHE A 388 -4.15 22.27 12.69
N ASP A 389 -5.07 22.94 11.98
CA ASP A 389 -5.99 23.98 12.52
C ASP A 389 -7.43 23.59 12.21
N ILE A 390 -8.29 23.51 13.22
CA ILE A 390 -9.76 23.43 13.04
C ILE A 390 -10.30 24.86 13.00
N ILE A 391 -11.09 25.19 11.97
CA ILE A 391 -11.80 26.50 11.88
C ILE A 391 -13.06 26.41 12.74
N ARG A 392 -13.29 27.40 13.60
CA ARG A 392 -14.47 27.54 14.49
C ARG A 392 -15.26 28.77 13.98
N PRO B 26 -7.17 27.85 -6.98
CA PRO B 26 -5.73 27.98 -7.28
C PRO B 26 -5.34 27.23 -8.57
N ALA B 27 -4.32 27.73 -9.28
CA ALA B 27 -3.78 27.19 -10.55
C ALA B 27 -2.81 26.04 -10.26
N PRO B 28 -2.81 24.95 -11.07
CA PRO B 28 -1.89 23.83 -10.85
C PRO B 28 -0.45 24.19 -11.21
N PRO B 29 0.56 23.64 -10.51
CA PRO B 29 1.96 23.92 -10.82
C PRO B 29 2.35 23.48 -12.25
N THR B 30 3.07 24.34 -13.00
CA THR B 30 3.53 24.12 -14.41
C THR B 30 4.95 23.54 -14.39
N THR B 31 5.09 22.43 -13.68
CA THR B 31 6.35 21.70 -13.45
C THR B 31 6.10 20.34 -14.10
N VAL B 32 7.09 19.52 -14.34
CA VAL B 32 6.78 18.18 -14.88
C VAL B 32 7.66 17.19 -14.12
N ALA B 33 7.24 15.92 -14.03
CA ALA B 33 8.00 14.85 -13.37
C ALA B 33 8.95 14.20 -14.39
N VAL B 34 10.19 13.96 -13.95
CA VAL B 34 11.28 13.37 -14.77
C VAL B 34 11.89 12.20 -14.00
N ILE B 35 12.00 11.03 -14.64
CA ILE B 35 12.84 9.91 -14.15
C ILE B 35 14.29 10.29 -14.47
N GLU B 36 15.06 10.61 -13.44
CA GLU B 36 16.47 11.06 -13.52
C GLU B 36 17.40 9.89 -13.22
N GLY B 37 16.85 8.77 -12.75
CA GLY B 37 17.60 7.60 -12.27
C GLY B 37 16.80 6.33 -12.38
N MET B 38 17.45 5.23 -12.77
CA MET B 38 16.81 3.93 -13.08
C MET B 38 17.84 2.83 -12.81
N ALA B 39 17.41 1.67 -12.34
CA ALA B 39 18.27 0.48 -12.18
C ALA B 39 17.38 -0.74 -12.02
N THR B 40 17.86 -1.89 -12.51
CA THR B 40 17.21 -3.22 -12.39
C THR B 40 18.17 -4.19 -11.68
N GLY B 41 17.63 -5.32 -11.25
CA GLY B 41 18.36 -6.41 -10.59
C GLY B 41 17.48 -7.64 -10.56
N ALA B 42 18.05 -8.78 -10.21
CA ALA B 42 17.30 -10.05 -10.04
C ALA B 42 18.20 -11.03 -9.32
N PRO B 43 17.64 -12.10 -8.73
CA PRO B 43 18.47 -13.18 -8.19
C PRO B 43 19.53 -13.64 -9.20
N GLN B 44 20.71 -14.03 -8.71
CA GLN B 44 21.82 -14.56 -9.55
C GLN B 44 21.34 -15.77 -10.35
N ARG B 45 20.54 -16.66 -9.73
CA ARG B 45 20.15 -17.99 -10.25
C ARG B 45 19.27 -17.88 -11.50
N VAL B 46 19.80 -18.32 -12.65
CA VAL B 46 19.01 -18.50 -13.91
C VAL B 46 18.39 -19.90 -13.90
N VAL B 47 17.14 -20.01 -14.36
CA VAL B 47 16.39 -21.29 -14.50
C VAL B 47 15.84 -21.34 -15.92
N ALA B 48 16.41 -22.20 -16.75
CA ALA B 48 16.01 -22.39 -18.17
C ALA B 48 14.58 -22.94 -18.17
N GLN B 49 13.73 -22.44 -19.06
CA GLN B 49 12.29 -22.81 -19.12
C GLN B 49 12.18 -24.31 -19.44
N ALA B 50 13.06 -24.83 -20.31
CA ALA B 50 13.19 -26.26 -20.67
C ALA B 50 13.34 -27.09 -19.38
N ASP B 51 14.31 -26.75 -18.54
CA ASP B 51 14.63 -27.47 -17.27
C ASP B 51 13.43 -27.42 -16.32
N ALA B 52 12.76 -26.27 -16.18
CA ALA B 52 11.60 -26.11 -15.27
C ALA B 52 10.49 -27.08 -15.71
N ALA B 53 10.24 -27.17 -17.01
CA ALA B 53 9.19 -28.03 -17.61
C ALA B 53 9.52 -29.50 -17.30
N ALA B 54 10.80 -29.88 -17.32
CA ALA B 54 11.27 -31.26 -17.02
C ALA B 54 10.83 -31.65 -15.60
N ARG B 55 11.16 -30.82 -14.60
CA ARG B 55 10.82 -31.07 -13.17
C ARG B 55 9.30 -31.24 -13.04
N VAL B 56 8.51 -30.41 -13.72
CA VAL B 56 7.02 -30.39 -13.57
C VAL B 56 6.45 -31.64 -14.23
N SER B 57 6.92 -31.98 -15.44
CA SER B 57 6.49 -33.19 -16.18
C SER B 57 6.74 -34.46 -15.35
N GLU B 58 7.88 -34.52 -14.64
CA GLU B 58 8.26 -35.69 -13.81
C GLU B 58 7.15 -36.01 -12.81
N LEU B 59 6.52 -34.98 -12.22
CA LEU B 59 5.50 -35.14 -11.15
C LEU B 59 4.12 -35.48 -11.73
N PHE B 60 4.04 -35.96 -12.98
CA PHE B 60 2.76 -36.31 -13.67
C PHE B 60 2.89 -37.71 -14.29
N VAL B 61 1.74 -38.36 -14.53
CA VAL B 61 1.62 -39.81 -14.87
C VAL B 61 1.30 -39.98 -16.36
N ASP B 62 0.09 -39.58 -16.79
CA ASP B 62 -0.41 -39.84 -18.16
C ASP B 62 0.55 -39.17 -19.15
N PRO B 63 1.01 -39.88 -20.21
CA PRO B 63 1.89 -39.27 -21.21
C PRO B 63 1.19 -38.13 -21.98
N GLN B 64 -0.15 -38.19 -22.08
CA GLN B 64 -0.99 -37.13 -22.70
C GLN B 64 -0.93 -35.85 -21.86
N GLN B 65 -0.76 -35.99 -20.54
CA GLN B 65 -0.66 -34.87 -19.57
C GLN B 65 0.72 -34.19 -19.68
N ARG B 66 1.79 -34.97 -19.85
CA ARG B 66 3.17 -34.46 -19.97
C ARG B 66 3.35 -33.71 -21.29
N GLU B 67 2.67 -34.14 -22.36
CA GLU B 67 2.65 -33.43 -23.68
C GLU B 67 2.09 -32.01 -23.48
N ARG B 68 0.99 -31.90 -22.73
CA ARG B 68 0.27 -30.63 -22.46
C ARG B 68 1.18 -29.70 -21.66
N ILE B 69 1.86 -30.22 -20.64
CA ILE B 69 2.79 -29.44 -19.77
C ILE B 69 3.92 -28.87 -20.62
N SER B 70 4.61 -29.70 -21.38
CA SER B 70 5.75 -29.26 -22.23
C SER B 70 5.23 -28.27 -23.27
N ARG B 71 4.02 -28.48 -23.79
CA ARG B 71 3.41 -27.58 -24.81
C ARG B 71 2.94 -26.28 -24.14
N ILE B 72 2.70 -26.27 -22.83
CA ILE B 72 2.34 -25.05 -22.04
C ILE B 72 3.60 -24.19 -21.89
N TYR B 73 4.67 -24.80 -21.35
CA TYR B 73 5.97 -24.14 -21.08
C TYR B 73 6.58 -23.61 -22.38
N ASP B 74 6.36 -24.30 -23.50
CA ASP B 74 6.88 -23.88 -24.82
C ASP B 74 6.10 -22.65 -25.29
N LYS B 75 4.79 -22.64 -25.02
CA LYS B 75 3.83 -21.64 -25.51
C LYS B 75 4.03 -20.31 -24.77
N THR B 76 4.71 -20.32 -23.61
CA THR B 76 4.97 -19.13 -22.75
C THR B 76 5.88 -18.15 -23.48
N ARG B 77 6.68 -18.62 -24.43
CA ARG B 77 7.72 -17.84 -25.17
C ARG B 77 8.66 -17.19 -24.15
N ILE B 78 8.96 -17.94 -23.08
CA ILE B 78 9.96 -17.63 -22.02
C ILE B 78 11.12 -18.62 -22.15
N ASP B 79 12.36 -18.12 -22.12
CA ASP B 79 13.60 -18.94 -22.25
C ASP B 79 14.20 -19.18 -20.87
N THR B 80 14.25 -18.14 -20.03
CA THR B 80 14.88 -18.18 -18.68
C THR B 80 14.02 -17.39 -17.69
N ARG B 81 14.25 -17.62 -16.39
CA ARG B 81 13.71 -16.82 -15.26
C ARG B 81 14.76 -16.79 -14.15
N ARG B 82 14.58 -15.91 -13.17
CA ARG B 82 15.47 -15.79 -11.99
C ARG B 82 14.63 -16.15 -10.77
N MET B 83 15.09 -17.10 -9.97
CA MET B 83 14.45 -17.49 -8.69
C MET B 83 15.41 -17.16 -7.56
N ALA B 84 14.90 -16.53 -6.50
CA ALA B 84 15.61 -16.31 -5.22
C ALA B 84 15.81 -17.65 -4.52
N VAL B 85 14.81 -18.53 -4.68
CA VAL B 85 14.78 -19.89 -4.08
C VAL B 85 14.80 -20.91 -5.22
N ASP B 86 15.78 -21.82 -5.22
CA ASP B 86 15.91 -22.92 -6.22
C ASP B 86 14.72 -23.87 -6.12
N PRO B 87 13.77 -23.84 -7.08
CA PRO B 87 12.56 -24.66 -6.99
C PRO B 87 12.81 -26.14 -7.35
N LEU B 88 13.80 -26.41 -8.20
CA LEU B 88 14.25 -27.78 -8.56
C LEU B 88 15.38 -28.17 -7.59
N ASP B 89 15.03 -28.32 -6.30
CA ASP B 89 15.97 -28.58 -5.19
C ASP B 89 15.23 -29.28 -4.06
N ASP B 90 15.53 -30.56 -3.80
CA ASP B 90 14.68 -31.51 -3.04
C ASP B 90 14.53 -31.11 -1.57
N GLU B 91 15.54 -30.43 -0.98
CA GLU B 91 15.48 -29.91 0.41
C GLU B 91 14.30 -28.93 0.57
N PHE B 92 13.97 -28.18 -0.49
CA PHE B 92 12.88 -27.18 -0.53
C PHE B 92 11.54 -27.87 -0.85
N ASP B 93 11.57 -29.04 -1.50
CA ASP B 93 10.35 -29.80 -1.91
C ASP B 93 9.59 -30.30 -0.68
N GLU B 94 10.29 -30.71 0.39
CA GLU B 94 9.68 -31.05 1.71
C GLU B 94 8.80 -29.87 2.15
N PHE B 95 9.42 -28.69 2.23
CA PHE B 95 8.84 -27.40 2.69
C PHE B 95 7.65 -26.98 1.82
N ARG B 96 7.73 -27.10 0.49
CA ARG B 96 6.70 -26.51 -0.42
C ARG B 96 5.53 -27.47 -0.60
N ARG B 97 5.58 -28.67 -0.02
CA ARG B 97 4.42 -29.59 0.12
C ARG B 97 3.75 -29.36 1.48
N GLU B 98 4.54 -29.05 2.51
CA GLU B 98 4.09 -28.80 3.91
C GLU B 98 3.11 -27.62 3.96
N PRO B 99 2.00 -27.74 4.72
CA PRO B 99 1.02 -26.65 4.85
C PRO B 99 1.34 -25.61 5.95
N ALA B 100 0.61 -24.48 5.96
CA ALA B 100 0.69 -23.40 6.98
C ALA B 100 2.11 -22.84 7.07
N THR B 101 2.65 -22.37 5.95
CA THR B 101 4.05 -21.92 5.82
C THR B 101 4.12 -20.43 5.47
N ILE B 102 2.97 -19.77 5.34
CA ILE B 102 2.89 -18.36 4.84
C ILE B 102 3.87 -17.49 5.63
N ARG B 103 3.83 -17.53 6.97
CA ARG B 103 4.72 -16.67 7.81
C ARG B 103 6.19 -16.92 7.42
N ASP B 104 6.59 -18.19 7.29
CA ASP B 104 7.98 -18.58 6.96
C ASP B 104 8.35 -17.99 5.60
N ARG B 105 7.43 -18.06 4.63
CA ARG B 105 7.63 -17.57 3.24
C ARG B 105 7.80 -16.05 3.24
N MET B 106 7.10 -15.34 4.13
CA MET B 106 7.21 -13.86 4.27
C MET B 106 8.58 -13.53 4.88
N ASN B 107 9.01 -14.31 5.87
CA ASN B 107 10.38 -14.22 6.44
C ASN B 107 11.39 -14.52 5.33
N LEU B 108 11.07 -15.46 4.46
CA LEU B 108 11.94 -15.87 3.34
C LEU B 108 12.01 -14.72 2.34
N PHE B 109 10.87 -14.07 2.06
CA PHE B 109 10.77 -12.87 1.18
C PHE B 109 11.69 -11.77 1.72
N TYR B 110 11.51 -11.39 2.98
CA TYR B 110 12.31 -10.31 3.62
C TYR B 110 13.80 -10.60 3.37
N GLN B 111 14.21 -11.84 3.61
CA GLN B 111 15.62 -12.26 3.76
C GLN B 111 16.38 -12.03 2.44
N HIS B 112 15.72 -12.31 1.31
CA HIS B 112 16.28 -12.15 -0.07
C HIS B 112 16.05 -10.73 -0.57
N ALA B 113 14.87 -10.16 -0.27
CA ALA B 113 14.40 -8.85 -0.78
C ALA B 113 15.36 -7.74 -0.37
N VAL B 114 15.74 -7.69 0.90
CA VAL B 114 16.55 -6.57 1.47
C VAL B 114 17.83 -6.38 0.66
N PRO B 115 18.76 -7.38 0.59
CA PRO B 115 20.03 -7.20 -0.12
C PRO B 115 19.83 -6.80 -1.59
N LEU B 116 18.84 -7.39 -2.25
CA LEU B 116 18.50 -7.10 -3.66
C LEU B 116 17.96 -5.67 -3.80
N ALA B 117 16.91 -5.34 -3.03
CA ALA B 117 16.24 -4.02 -2.99
C ALA B 117 17.25 -2.89 -2.82
N VAL B 118 18.13 -3.02 -1.82
CA VAL B 118 19.12 -1.99 -1.38
C VAL B 118 20.13 -1.78 -2.49
N ASP B 119 20.59 -2.85 -3.14
CA ASP B 119 21.60 -2.74 -4.24
C ASP B 119 20.98 -1.96 -5.40
N VAL B 120 19.78 -2.35 -5.85
CA VAL B 120 19.11 -1.76 -7.04
C VAL B 120 18.86 -0.28 -6.78
N ALA B 121 18.37 0.07 -5.59
CA ALA B 121 18.09 1.47 -5.16
C ALA B 121 19.39 2.27 -5.17
N ALA B 122 20.45 1.73 -4.58
CA ALA B 122 21.79 2.35 -4.50
C ALA B 122 22.31 2.68 -5.91
N ARG B 123 21.99 1.87 -6.92
CA ARG B 123 22.51 2.03 -8.32
C ARG B 123 21.66 3.03 -9.09
N ALA B 124 20.37 3.15 -8.75
CA ALA B 124 19.42 4.15 -9.32
C ALA B 124 19.86 5.55 -8.86
N LEU B 125 20.42 5.65 -7.66
CA LEU B 125 20.88 6.92 -7.03
C LEU B 125 22.32 7.25 -7.44
N ASP B 126 23.14 6.23 -7.75
CA ASP B 126 24.59 6.36 -8.07
C ASP B 126 24.75 7.10 -9.42
N GLY B 127 23.69 7.15 -10.23
CA GLY B 127 23.68 7.88 -11.52
C GLY B 127 23.68 9.40 -11.35
N LEU B 128 23.51 9.91 -10.12
CA LEU B 128 23.22 11.34 -9.84
C LEU B 128 24.21 11.92 -8.83
N PRO B 129 24.29 13.26 -8.67
CA PRO B 129 25.05 13.88 -7.59
C PRO B 129 24.63 13.33 -6.21
N TYR B 130 25.60 12.86 -5.41
CA TYR B 130 25.39 12.29 -4.06
C TYR B 130 24.84 13.35 -3.10
N ALA B 131 23.51 13.35 -2.90
CA ALA B 131 22.78 14.18 -1.93
C ALA B 131 21.60 13.40 -1.38
N PRO B 132 21.81 12.43 -0.45
CA PRO B 132 20.72 11.62 0.08
C PRO B 132 19.63 12.45 0.78
N ASP B 133 19.99 13.66 1.23
CA ASP B 133 19.13 14.59 2.02
C ASP B 133 18.06 15.22 1.12
N GLU B 134 18.13 15.00 -0.20
CA GLU B 134 17.18 15.56 -1.21
C GLU B 134 16.06 14.55 -1.49
N ILE B 135 16.22 13.29 -1.09
CA ILE B 135 15.16 12.24 -1.20
C ILE B 135 14.13 12.46 -0.09
N GLY B 136 12.91 12.85 -0.47
CA GLY B 136 11.82 13.20 0.46
C GLY B 136 10.77 12.11 0.56
N GLN B 137 10.71 11.21 -0.42
CA GLN B 137 9.68 10.14 -0.49
C GLN B 137 10.30 8.84 -0.96
N LEU B 138 9.92 7.75 -0.32
CA LEU B 138 10.17 6.37 -0.79
C LEU B 138 8.81 5.71 -1.00
N VAL B 139 8.54 5.21 -2.21
CA VAL B 139 7.33 4.39 -2.49
C VAL B 139 7.82 2.97 -2.72
N PHE B 140 7.39 2.04 -1.87
CA PHE B 140 7.82 0.62 -1.94
C PHE B 140 6.64 -0.22 -2.43
N VAL B 141 6.86 -0.96 -3.52
CA VAL B 141 5.80 -1.73 -4.25
C VAL B 141 6.13 -3.22 -4.22
N THR B 142 5.19 -4.05 -3.80
CA THR B 142 5.29 -5.54 -3.85
C THR B 142 3.89 -6.15 -3.74
N SER B 143 3.66 -7.27 -4.41
CA SER B 143 2.43 -8.08 -4.26
C SER B 143 2.81 -9.52 -3.90
N THR B 144 4.06 -9.77 -3.49
CA THR B 144 4.61 -11.13 -3.21
C THR B 144 5.20 -11.18 -1.79
N GLY B 145 5.02 -10.12 -0.99
CA GLY B 145 5.64 -9.98 0.34
C GLY B 145 4.78 -9.13 1.27
N PHE B 146 4.72 -9.51 2.56
CA PHE B 146 3.90 -8.86 3.61
C PHE B 146 4.53 -9.06 4.99
N ILE B 147 5.26 -8.05 5.47
CA ILE B 147 6.02 -8.11 6.75
C ILE B 147 6.33 -6.66 7.17
N ALA B 148 6.14 -6.33 8.44
CA ALA B 148 6.46 -5.00 9.00
C ALA B 148 7.20 -5.18 10.33
N PRO B 149 8.26 -4.40 10.62
CA PRO B 149 8.83 -3.44 9.68
C PRO B 149 9.52 -4.18 8.52
N GLY B 150 9.39 -3.67 7.30
CA GLY B 150 9.76 -4.38 6.06
C GLY B 150 11.00 -3.82 5.41
N VAL B 151 11.06 -3.96 4.07
CA VAL B 151 12.25 -3.68 3.24
C VAL B 151 12.47 -2.18 3.15
N ASP B 152 11.37 -1.41 3.04
CA ASP B 152 11.39 0.07 2.94
C ASP B 152 12.25 0.63 4.07
N VAL B 153 12.10 0.09 5.28
CA VAL B 153 12.87 0.54 6.49
C VAL B 153 14.36 0.22 6.29
N GLU B 154 14.71 -1.02 5.93
CA GLU B 154 16.13 -1.43 5.73
C GLU B 154 16.72 -0.60 4.58
N ILE B 155 15.95 -0.29 3.55
CA ILE B 155 16.40 0.61 2.44
C ILE B 155 16.85 1.94 3.07
N VAL B 156 16.01 2.54 3.92
CA VAL B 156 16.28 3.88 4.50
C VAL B 156 17.59 3.80 5.30
N LYS B 157 17.67 2.84 6.22
CA LYS B 157 18.82 2.64 7.14
C LYS B 157 20.11 2.42 6.34
N GLN B 158 20.16 1.37 5.52
CA GLN B 158 21.39 0.91 4.83
C GLN B 158 21.89 1.94 3.81
N LEU B 159 21.01 2.78 3.26
CA LEU B 159 21.41 3.82 2.26
C LEU B 159 21.63 5.16 2.98
N GLY B 160 21.30 5.25 4.26
CA GLY B 160 21.47 6.48 5.06
C GLY B 160 20.63 7.61 4.49
N LEU B 161 19.42 7.30 4.01
CA LEU B 161 18.39 8.30 3.64
C LEU B 161 17.88 8.98 4.90
N PRO B 162 17.30 10.19 4.81
CA PRO B 162 16.83 10.93 5.98
C PRO B 162 15.78 10.18 6.80
N ARG B 163 15.92 10.20 8.12
CA ARG B 163 14.97 9.53 9.05
C ARG B 163 13.58 10.17 8.92
N SER B 164 13.48 11.35 8.33
CA SER B 164 12.22 12.13 8.18
C SER B 164 11.52 11.83 6.85
N ILE B 165 12.00 10.85 6.08
CA ILE B 165 11.49 10.56 4.71
C ILE B 165 10.06 10.01 4.77
N SER B 166 9.18 10.51 3.89
CA SER B 166 7.78 10.03 3.69
C SER B 166 7.82 8.64 3.06
N ARG B 167 7.13 7.67 3.64
CA ARG B 167 7.10 6.28 3.12
C ARG B 167 5.67 5.87 2.81
N VAL B 168 5.46 5.24 1.66
CA VAL B 168 4.16 4.67 1.21
C VAL B 168 4.44 3.24 0.77
N VAL B 169 3.66 2.29 1.26
CA VAL B 169 3.78 0.85 0.88
C VAL B 169 2.56 0.50 0.03
N VAL B 170 2.75 0.30 -1.27
CA VAL B 170 1.67 -0.06 -2.23
C VAL B 170 1.66 -1.58 -2.41
N ASN B 171 0.65 -2.26 -1.88
CA ASN B 171 0.57 -3.75 -1.90
C ASN B 171 -0.66 -4.22 -2.66
N PHE B 172 -0.55 -5.37 -3.31
CA PHE B 172 -1.66 -6.12 -3.94
C PHE B 172 -2.34 -5.26 -5.02
N MET B 173 -1.57 -4.42 -5.71
CA MET B 173 -2.08 -3.66 -6.89
C MET B 173 -1.56 -4.31 -8.17
N GLY B 174 -0.99 -5.53 -8.07
CA GLY B 174 -0.70 -6.41 -9.21
C GLY B 174 0.52 -5.96 -10.03
O MCS B 175 2.54 -3.90 -13.29
C MCS B 175 1.52 -4.33 -12.74
CA MCS B 175 1.48 -5.78 -12.29
N MCS B 175 0.37 -6.00 -11.37
CB MCS B 175 1.33 -6.69 -13.48
SAI MCS B 175 0.07 -7.92 -13.06
CAK MCS B 175 0.64 -9.26 -13.98
OAC MCS B 175 1.41 -10.05 -13.53
CAG MCS B 175 0.07 -9.27 -15.38
CAJ MCS B 175 -0.94 -10.35 -15.74
OAE MCS B 175 -0.61 -11.54 -15.61
OAB MCS B 175 -2.06 -9.99 -16.19
N ALA B 176 0.43 -3.58 -12.52
CA ALA B 176 0.35 -2.19 -12.91
C ALA B 176 0.69 -1.28 -11.72
N ALA B 177 1.24 -1.85 -10.65
CA ALA B 177 1.50 -1.16 -9.37
C ALA B 177 2.60 -0.09 -9.51
N ALA B 178 3.57 -0.28 -10.41
CA ALA B 178 4.66 0.69 -10.68
C ALA B 178 4.06 1.98 -11.24
N MET B 179 2.98 1.87 -12.02
CA MET B 179 2.26 3.01 -12.64
C MET B 179 1.59 3.84 -11.53
N ASN B 180 0.97 3.17 -10.56
CA ASN B 180 0.32 3.81 -9.39
C ASN B 180 1.40 4.49 -8.52
N ALA B 181 2.56 3.84 -8.37
CA ALA B 181 3.70 4.35 -7.58
C ALA B 181 4.27 5.62 -8.25
N ILE B 182 4.56 5.56 -9.54
CA ILE B 182 5.06 6.73 -10.32
C ILE B 182 4.09 7.90 -10.17
N ARG B 183 2.80 7.66 -10.35
CA ARG B 183 1.74 8.70 -10.19
C ARG B 183 1.88 9.35 -8.80
N THR B 184 2.05 8.54 -7.76
CA THR B 184 2.20 8.99 -6.35
C THR B 184 3.46 9.85 -6.21
N ALA B 185 4.59 9.38 -6.78
CA ALA B 185 5.91 10.04 -6.76
C ALA B 185 5.83 11.38 -7.48
N THR B 186 5.19 11.40 -8.65
CA THR B 186 4.99 12.63 -9.46
C THR B 186 4.20 13.65 -8.65
N ASN B 187 3.14 13.24 -7.94
CA ASN B 187 2.34 14.18 -7.11
C ASN B 187 3.24 14.79 -6.04
N TYR B 188 4.14 13.97 -5.47
CA TYR B 188 5.04 14.38 -4.37
C TYR B 188 5.97 15.49 -4.89
N VAL B 189 6.78 15.20 -5.90
CA VAL B 189 7.84 16.12 -6.39
C VAL B 189 7.21 17.37 -7.03
N ARG B 190 6.00 17.27 -7.58
CA ARG B 190 5.27 18.45 -8.16
C ARG B 190 4.78 19.36 -7.02
N ALA B 191 4.50 18.82 -5.82
CA ALA B 191 4.11 19.60 -4.62
C ALA B 191 5.34 20.03 -3.82
N HIS B 192 6.51 19.39 -4.05
CA HIS B 192 7.79 19.63 -3.33
C HIS B 192 8.94 19.62 -4.33
N PRO B 193 9.01 20.64 -5.22
CA PRO B 193 9.96 20.62 -6.35
C PRO B 193 11.44 20.53 -5.95
N SER B 194 11.81 21.00 -4.76
CA SER B 194 13.19 20.88 -4.21
C SER B 194 13.56 19.40 -4.01
N MET B 195 12.56 18.55 -3.76
CA MET B 195 12.74 17.16 -3.27
C MET B 195 12.65 16.16 -4.43
N LYS B 196 13.23 14.98 -4.25
CA LYS B 196 13.13 13.82 -5.17
C LYS B 196 12.38 12.69 -4.48
N ALA B 197 11.77 11.80 -5.26
CA ALA B 197 11.07 10.58 -4.78
C ALA B 197 11.79 9.34 -5.34
N LEU B 198 11.90 8.32 -4.52
CA LEU B 198 12.51 7.01 -4.85
C LEU B 198 11.39 5.97 -4.92
N VAL B 199 11.17 5.38 -6.08
CA VAL B 199 10.20 4.27 -6.29
C VAL B 199 10.99 2.96 -6.36
N VAL B 200 10.71 2.02 -5.45
CA VAL B 200 11.37 0.68 -5.45
C VAL B 200 10.29 -0.39 -5.55
N CYS B 201 10.33 -1.21 -6.59
CA CYS B 201 9.46 -2.38 -6.81
C CYS B 201 10.32 -3.64 -6.66
N ILE B 202 9.85 -4.62 -5.89
CA ILE B 202 10.52 -5.95 -5.83
C ILE B 202 9.44 -7.02 -5.77
N GLU B 203 9.57 -8.03 -6.63
CA GLU B 203 8.67 -9.20 -6.69
C GLU B 203 9.54 -10.45 -6.65
N LEU B 204 9.28 -11.34 -5.69
CA LEU B 204 9.89 -12.69 -5.59
C LEU B 204 8.78 -13.73 -5.64
N SER B 205 8.27 -14.04 -6.83
CA SER B 205 7.24 -15.08 -7.05
C SER B 205 7.74 -16.41 -6.49
N SER B 206 9.04 -16.69 -6.60
CA SER B 206 9.68 -17.98 -6.20
C SER B 206 9.39 -18.30 -4.73
N VAL B 207 9.25 -17.31 -3.85
CA VAL B 207 9.03 -17.57 -2.40
C VAL B 207 7.58 -18.03 -2.15
N ASN B 208 6.71 -17.99 -3.16
CA ASN B 208 5.28 -18.40 -3.05
C ASN B 208 5.01 -19.67 -3.85
N ALA B 209 6.07 -20.37 -4.27
CA ALA B 209 5.99 -21.58 -5.13
C ALA B 209 5.44 -22.76 -4.32
N VAL B 210 4.45 -23.44 -4.88
CA VAL B 210 3.76 -24.62 -4.28
C VAL B 210 3.60 -25.66 -5.38
N PHE B 211 3.23 -26.90 -5.02
CA PHE B 211 2.96 -27.97 -6.00
C PHE B 211 1.57 -27.75 -6.59
N ALA B 212 1.45 -27.84 -7.91
CA ALA B 212 0.24 -27.50 -8.70
C ALA B 212 -0.91 -28.45 -8.37
N ASP B 213 -2.15 -27.95 -8.47
CA ASP B 213 -3.40 -28.74 -8.25
C ASP B 213 -4.06 -28.97 -9.61
N ASP B 214 -4.47 -27.88 -10.27
CA ASP B 214 -5.37 -27.89 -11.45
C ASP B 214 -4.57 -27.48 -12.69
N ILE B 215 -5.04 -26.46 -13.41
CA ILE B 215 -4.45 -25.95 -14.68
C ILE B 215 -3.85 -24.57 -14.40
N ASN B 216 -4.67 -23.63 -13.92
CA ASN B 216 -4.26 -22.24 -13.57
C ASN B 216 -2.93 -22.31 -12.81
N ASP B 217 -2.85 -23.20 -11.83
CA ASP B 217 -1.67 -23.42 -10.95
C ASP B 217 -0.42 -23.56 -11.84
N VAL B 218 -0.45 -24.52 -12.77
CA VAL B 218 0.70 -24.88 -13.64
C VAL B 218 1.03 -23.68 -14.54
N VAL B 219 0.01 -23.04 -15.12
CA VAL B 219 0.17 -21.86 -16.02
C VAL B 219 0.83 -20.72 -15.24
N ILE B 220 0.32 -20.41 -14.04
CA ILE B 220 0.93 -19.39 -13.12
C ILE B 220 2.39 -19.76 -12.89
N HIS B 221 2.66 -21.00 -12.48
CA HIS B 221 4.03 -21.47 -12.13
C HIS B 221 4.94 -21.45 -13.37
N SER B 222 4.36 -21.41 -14.58
CA SER B 222 5.12 -21.40 -15.86
C SER B 222 5.59 -19.99 -16.24
N LEU B 223 4.94 -18.93 -15.71
CA LEU B 223 5.10 -17.53 -16.20
C LEU B 223 5.93 -16.70 -15.22
N PHE B 224 5.61 -16.74 -13.92
CA PHE B 224 6.08 -15.74 -12.94
C PHE B 224 7.54 -15.99 -12.58
N GLY B 225 8.33 -14.90 -12.59
CA GLY B 225 9.73 -14.87 -12.16
C GLY B 225 9.98 -13.77 -11.13
N ASP B 226 11.25 -13.52 -10.82
CA ASP B 226 11.71 -12.60 -9.76
C ASP B 226 12.53 -11.45 -10.36
N GLY B 227 12.42 -10.27 -9.76
CA GLY B 227 13.17 -9.07 -10.19
C GLY B 227 12.97 -7.94 -9.20
N CYS B 228 13.82 -6.91 -9.31
CA CYS B 228 13.70 -5.62 -8.59
C CYS B 228 14.00 -4.48 -9.56
N GLY B 229 13.26 -3.37 -9.46
CA GLY B 229 13.54 -2.11 -10.18
C GLY B 229 13.44 -0.92 -9.25
N ALA B 230 14.20 0.13 -9.50
CA ALA B 230 14.16 1.40 -8.73
C ALA B 230 14.25 2.58 -9.69
N LEU B 231 13.52 3.64 -9.37
CA LEU B 231 13.40 4.89 -10.16
C LEU B 231 13.65 6.06 -9.20
N VAL B 232 14.28 7.11 -9.69
CA VAL B 232 14.46 8.37 -8.94
C VAL B 232 13.78 9.46 -9.76
N ILE B 233 12.76 10.09 -9.20
CA ILE B 233 11.91 11.07 -9.91
C ILE B 233 12.11 12.44 -9.29
N GLY B 234 12.34 13.45 -10.13
CA GLY B 234 12.45 14.86 -9.74
C GLY B 234 11.51 15.72 -10.57
N ALA B 235 11.33 16.98 -10.19
CA ALA B 235 10.51 17.97 -10.90
C ALA B 235 11.43 18.85 -11.75
N SER B 236 10.97 19.18 -12.96
CA SER B 236 11.53 20.24 -13.83
C SER B 236 10.43 21.23 -14.19
N GLN B 237 10.82 22.50 -14.30
CA GLN B 237 10.11 23.54 -15.10
C GLN B 237 10.01 23.01 -16.52
N VAL B 238 8.84 23.16 -17.13
CA VAL B 238 8.52 22.64 -18.48
C VAL B 238 9.42 23.38 -19.49
N GLN B 239 9.93 22.67 -20.50
CA GLN B 239 10.73 23.25 -21.62
C GLN B 239 12.19 23.54 -21.16
N GLN B 240 12.49 23.54 -19.85
CA GLN B 240 13.90 23.58 -19.33
C GLN B 240 14.65 22.35 -19.84
N PRO B 241 15.94 22.48 -20.23
CA PRO B 241 16.66 21.37 -20.88
C PRO B 241 17.04 20.24 -19.92
N LEU B 242 17.13 19.00 -20.42
CA LEU B 242 17.34 17.77 -19.61
C LEU B 242 18.37 16.86 -20.27
N PRO B 243 19.27 16.23 -19.49
CA PRO B 243 20.27 15.31 -20.07
C PRO B 243 19.65 14.10 -20.77
N ALA B 244 20.33 13.57 -21.78
CA ALA B 244 19.96 12.35 -22.55
C ALA B 244 19.76 11.18 -21.58
N GLY B 245 18.68 10.42 -21.75
CA GLY B 245 18.37 9.25 -20.91
C GLY B 245 17.26 9.53 -19.91
N ASN B 246 17.08 10.80 -19.51
CA ASN B 246 15.90 11.22 -18.69
C ASN B 246 14.64 10.81 -19.45
N VAL B 247 13.61 10.45 -18.69
CA VAL B 247 12.25 10.10 -19.18
C VAL B 247 11.30 11.11 -18.58
N VAL B 248 10.58 11.86 -19.42
CA VAL B 248 9.53 12.82 -19.00
C VAL B 248 8.21 12.06 -18.89
N ILE B 249 7.62 12.02 -17.70
CA ILE B 249 6.24 11.49 -17.49
C ILE B 249 5.26 12.62 -17.82
N ARG B 250 4.63 12.52 -18.99
CA ARG B 250 3.73 13.56 -19.54
C ARG B 250 2.35 13.39 -18.93
N SER B 251 1.87 12.16 -18.82
CA SER B 251 0.49 11.81 -18.41
C SER B 251 0.49 10.44 -17.73
N SER B 252 -0.40 10.25 -16.75
CA SER B 252 -0.76 8.93 -16.18
C SER B 252 -2.27 8.76 -16.33
N PHE B 253 -2.72 7.54 -16.54
CA PHE B 253 -4.14 7.23 -16.76
C PHE B 253 -4.48 5.88 -16.16
N SER B 254 -5.76 5.72 -15.89
CA SER B 254 -6.33 4.61 -15.10
C SER B 254 -7.73 4.38 -15.65
N GLN B 255 -8.23 3.14 -15.71
CA GLN B 255 -9.62 2.86 -16.15
C GLN B 255 -10.09 1.54 -15.56
N LEU B 256 -10.99 1.63 -14.58
CA LEU B 256 -11.71 0.45 -14.04
C LEU B 256 -12.76 0.01 -15.06
N LEU B 257 -12.77 -1.25 -15.46
CA LEU B 257 -13.73 -1.78 -16.45
C LEU B 257 -14.85 -2.50 -15.72
N ASP B 258 -15.91 -2.90 -16.43
CA ASP B 258 -17.10 -3.57 -15.82
C ASP B 258 -17.05 -5.07 -16.10
N ASP B 259 -17.72 -5.85 -15.25
CA ASP B 259 -17.88 -7.32 -15.38
C ASP B 259 -16.51 -7.94 -15.64
N SER B 260 -15.52 -7.60 -14.81
CA SER B 260 -14.11 -8.00 -15.00
C SER B 260 -13.46 -8.32 -13.64
N GLU B 261 -14.26 -8.43 -12.57
CA GLU B 261 -13.76 -8.69 -11.20
C GLU B 261 -12.91 -9.96 -11.21
N ASP B 262 -13.36 -10.98 -11.97
CA ASP B 262 -12.74 -12.33 -12.05
C ASP B 262 -11.42 -12.26 -12.83
N GLY B 263 -11.27 -11.27 -13.73
CA GLY B 263 -10.10 -11.09 -14.61
C GLY B 263 -8.80 -11.40 -13.91
N ILE B 264 -8.43 -10.61 -12.90
CA ILE B 264 -7.20 -10.82 -12.09
C ILE B 264 -7.58 -10.81 -10.61
N VAL B 265 -7.22 -11.88 -9.91
CA VAL B 265 -7.55 -12.11 -8.48
C VAL B 265 -6.27 -12.50 -7.76
N LEU B 266 -5.98 -11.80 -6.66
CA LEU B 266 -4.84 -12.11 -5.75
C LEU B 266 -5.43 -12.41 -4.37
N GLY B 267 -4.90 -13.44 -3.73
CA GLY B 267 -5.31 -13.84 -2.37
C GLY B 267 -4.13 -14.40 -1.61
N VAL B 268 -4.24 -14.44 -0.28
CA VAL B 268 -3.21 -15.01 0.63
C VAL B 268 -3.72 -16.38 1.10
N ASN B 269 -2.96 -17.44 0.83
CA ASN B 269 -3.27 -18.81 1.31
C ASN B 269 -2.35 -19.13 2.48
N HIS B 270 -2.68 -20.20 3.20
CA HIS B 270 -1.86 -20.74 4.32
C HIS B 270 -0.46 -21.08 3.83
N ASP B 271 -0.31 -21.42 2.55
CA ASP B 271 0.96 -21.93 1.95
C ASP B 271 1.52 -20.94 0.92
N GLY B 272 1.14 -19.66 0.99
CA GLY B 272 1.71 -18.60 0.15
C GLY B 272 0.67 -17.75 -0.55
N ILE B 273 1.10 -16.62 -1.12
CA ILE B 273 0.27 -15.71 -1.95
C ILE B 273 -0.01 -16.40 -3.27
N THR B 274 -1.21 -16.20 -3.82
CA THR B 274 -1.68 -16.85 -5.06
C THR B 274 -2.17 -15.79 -6.05
N CYS B 275 -2.29 -16.19 -7.31
CA CYS B 275 -2.83 -15.39 -8.44
C CYS B 275 -3.77 -16.26 -9.27
N GLU B 276 -4.95 -15.73 -9.62
CA GLU B 276 -5.96 -16.42 -10.46
C GLU B 276 -6.32 -15.49 -11.62
N LEU B 277 -6.16 -15.99 -12.85
CA LEU B 277 -6.42 -15.25 -14.11
C LEU B 277 -7.58 -15.94 -14.82
N SER B 278 -8.66 -15.19 -15.07
CA SER B 278 -9.85 -15.63 -15.84
C SER B 278 -9.43 -16.04 -17.26
N GLU B 279 -10.14 -17.03 -17.82
CA GLU B 279 -10.04 -17.45 -19.24
C GLU B 279 -10.52 -16.29 -20.11
N ASN B 280 -11.29 -15.36 -19.54
CA ASN B 280 -11.89 -14.21 -20.26
C ASN B 280 -10.97 -12.98 -20.20
N LEU B 281 -9.83 -13.08 -19.53
CA LEU B 281 -8.90 -11.93 -19.33
C LEU B 281 -8.45 -11.40 -20.69
N PRO B 282 -7.97 -12.24 -21.64
CA PRO B 282 -7.64 -11.77 -22.98
C PRO B 282 -8.77 -10.99 -23.69
N SER B 283 -10.02 -11.37 -23.46
CA SER B 283 -11.22 -10.70 -24.06
C SER B 283 -11.38 -9.30 -23.43
N TYR B 284 -11.17 -9.19 -22.11
CA TYR B 284 -11.23 -7.91 -21.37
C TYR B 284 -10.15 -6.96 -21.91
N ILE B 285 -8.96 -7.51 -22.17
CA ILE B 285 -7.79 -6.73 -22.68
C ILE B 285 -8.09 -6.26 -24.10
N TYR B 286 -8.56 -7.15 -24.97
CA TYR B 286 -8.90 -6.79 -26.37
C TYR B 286 -9.90 -5.61 -26.35
N ARG B 287 -10.94 -5.71 -25.52
CA ARG B 287 -12.08 -4.76 -25.54
C ARG B 287 -11.68 -3.41 -24.90
N SER B 288 -10.77 -3.39 -23.94
CA SER B 288 -10.48 -2.22 -23.08
C SER B 288 -9.40 -1.31 -23.68
N VAL B 289 -8.27 -1.90 -24.10
CA VAL B 289 -7.00 -1.17 -24.38
C VAL B 289 -7.26 0.01 -25.34
N ASP B 290 -7.80 -0.25 -26.52
CA ASP B 290 -7.91 0.76 -27.62
C ASP B 290 -8.73 1.97 -27.15
N PRO B 291 -9.99 1.81 -26.70
CA PRO B 291 -10.79 2.95 -26.26
C PRO B 291 -10.04 3.82 -25.23
N VAL B 292 -9.44 3.16 -24.22
CA VAL B 292 -8.69 3.83 -23.11
C VAL B 292 -7.54 4.63 -23.71
N VAL B 293 -6.67 3.94 -24.46
CA VAL B 293 -5.41 4.53 -25.01
C VAL B 293 -5.78 5.61 -26.01
N ALA B 294 -6.78 5.37 -26.85
CA ALA B 294 -7.27 6.32 -27.88
C ALA B 294 -7.71 7.61 -27.19
N GLU B 295 -8.60 7.52 -26.19
CA GLU B 295 -9.15 8.72 -25.49
C GLU B 295 -7.98 9.49 -24.88
N MET B 296 -7.08 8.78 -24.19
CA MET B 296 -5.94 9.37 -23.45
C MET B 296 -5.08 10.17 -24.44
N LEU B 297 -4.63 9.54 -25.52
CA LEU B 297 -3.81 10.18 -26.57
C LEU B 297 -4.52 11.43 -27.10
N ARG B 298 -5.80 11.31 -27.47
CA ARG B 298 -6.61 12.46 -27.97
C ARG B 298 -6.47 13.60 -26.95
N ASP B 299 -6.59 13.29 -25.65
CA ASP B 299 -6.60 14.29 -24.55
C ASP B 299 -5.24 14.99 -24.46
N ASN B 300 -4.15 14.35 -24.92
CA ASN B 300 -2.77 14.92 -24.96
C ASN B 300 -2.41 15.34 -26.38
N GLY B 301 -3.39 15.41 -27.28
CA GLY B 301 -3.20 15.88 -28.66
C GLY B 301 -2.33 14.97 -29.49
N LEU B 302 -2.53 13.65 -29.41
CA LEU B 302 -1.81 12.63 -30.21
C LEU B 302 -2.80 11.62 -30.81
N SER B 303 -2.37 10.90 -31.85
CA SER B 303 -2.96 9.63 -32.34
C SER B 303 -1.94 8.51 -32.12
N LYS B 304 -2.34 7.25 -32.33
CA LYS B 304 -1.46 6.06 -32.19
C LYS B 304 -0.30 6.14 -33.18
N ALA B 305 -0.46 6.88 -34.27
CA ALA B 305 0.57 7.04 -35.33
C ALA B 305 1.69 7.97 -34.86
N ASP B 306 1.53 8.62 -33.70
CA ASP B 306 2.56 9.53 -33.14
C ASP B 306 3.45 8.79 -32.12
N ILE B 307 3.10 7.56 -31.74
CA ILE B 307 3.84 6.77 -30.71
C ILE B 307 5.03 6.06 -31.37
N ASP B 308 6.22 6.23 -30.80
CA ASP B 308 7.47 5.59 -31.26
C ASP B 308 7.73 4.31 -30.43
N LEU B 309 7.28 4.27 -29.18
CA LEU B 309 7.58 3.17 -28.21
C LEU B 309 6.28 2.64 -27.60
N TRP B 310 6.05 1.33 -27.69
CA TRP B 310 4.92 0.64 -27.01
C TRP B 310 5.49 -0.29 -25.94
N ALA B 311 5.39 0.16 -24.68
CA ALA B 311 5.78 -0.60 -23.48
C ALA B 311 4.54 -1.30 -22.93
N ILE B 312 4.06 -2.30 -23.67
CA ILE B 312 2.97 -3.22 -23.23
C ILE B 312 3.57 -4.12 -22.13
N HIS B 313 2.86 -4.28 -21.03
CA HIS B 313 3.33 -5.12 -19.89
C HIS B 313 3.55 -6.53 -20.42
N PRO B 314 4.78 -7.07 -20.30
CA PRO B 314 5.05 -8.46 -20.68
C PRO B 314 4.59 -9.44 -19.58
N GLY B 315 3.28 -9.66 -19.50
CA GLY B 315 2.65 -10.56 -18.51
C GLY B 315 2.63 -11.99 -19.03
N GLY B 316 2.32 -12.13 -20.32
CA GLY B 316 2.38 -13.41 -21.07
C GLY B 316 2.15 -13.14 -22.56
N PRO B 317 2.30 -14.16 -23.42
CA PRO B 317 2.10 -13.99 -24.87
C PRO B 317 0.71 -13.43 -25.18
N LYS B 318 -0.34 -13.94 -24.52
CA LYS B 318 -1.75 -13.57 -24.79
C LYS B 318 -1.98 -12.08 -24.45
N ILE B 319 -1.35 -11.60 -23.37
CA ILE B 319 -1.48 -10.18 -22.90
C ILE B 319 -0.82 -9.26 -23.94
N ILE B 320 0.39 -9.60 -24.40
CA ILE B 320 1.10 -8.78 -25.42
C ILE B 320 0.31 -8.85 -26.74
N GLU B 321 -0.11 -10.07 -27.14
CA GLU B 321 -0.84 -10.33 -28.42
C GLU B 321 -2.15 -9.54 -28.46
N GLN B 322 -2.99 -9.68 -27.43
CA GLN B 322 -4.36 -9.09 -27.39
C GLN B 322 -4.28 -7.57 -27.22
N SER B 323 -3.26 -7.08 -26.53
CA SER B 323 -2.97 -5.62 -26.38
C SER B 323 -2.69 -5.03 -27.75
N ALA B 324 -1.77 -5.65 -28.49
CA ALA B 324 -1.37 -5.26 -29.87
C ALA B 324 -2.59 -5.31 -30.81
N ARG B 325 -3.32 -6.43 -30.83
CA ARG B 325 -4.50 -6.63 -31.71
C ARG B 325 -5.54 -5.53 -31.43
N SER B 326 -5.80 -5.22 -30.15
CA SER B 326 -6.70 -4.11 -29.74
C SER B 326 -6.25 -2.79 -30.37
N LEU B 327 -4.95 -2.47 -30.24
CA LEU B 327 -4.33 -1.21 -30.73
C LEU B 327 -4.26 -1.22 -32.26
N GLY B 328 -4.34 -2.39 -32.89
CA GLY B 328 -4.19 -2.52 -34.35
C GLY B 328 -2.78 -2.22 -34.79
N ILE B 329 -1.77 -2.66 -34.00
CA ILE B 329 -0.32 -2.59 -34.35
C ILE B 329 0.18 -4.03 -34.49
N PRO B 330 1.19 -4.31 -35.34
CA PRO B 330 1.75 -5.66 -35.44
C PRO B 330 2.27 -6.13 -34.06
N VAL B 331 2.04 -7.40 -33.69
CA VAL B 331 2.39 -7.96 -32.35
C VAL B 331 3.87 -7.72 -32.05
N GLY B 332 4.75 -7.86 -33.05
CA GLY B 332 6.22 -7.79 -32.89
C GLY B 332 6.73 -6.36 -32.72
N ARG B 333 5.87 -5.36 -32.91
CA ARG B 333 6.21 -3.93 -32.73
C ARG B 333 6.75 -3.68 -31.32
N ALA B 334 6.17 -4.32 -30.29
CA ALA B 334 6.60 -4.21 -28.88
C ALA B 334 7.78 -5.16 -28.63
N VAL B 335 8.95 -4.82 -29.16
CA VAL B 335 10.18 -5.67 -29.18
C VAL B 335 10.69 -5.88 -27.76
N GLN B 336 10.81 -4.80 -26.99
CA GLN B 336 11.40 -4.82 -25.62
C GLN B 336 10.50 -5.63 -24.68
N SER B 337 9.18 -5.63 -24.91
CA SER B 337 8.21 -6.41 -24.10
C SER B 337 8.52 -7.90 -24.31
N TRP B 338 8.66 -8.30 -25.58
CA TRP B 338 8.95 -9.70 -25.98
C TRP B 338 10.28 -10.15 -25.40
N ASP B 339 11.29 -9.25 -25.41
CA ASP B 339 12.67 -9.53 -24.97
C ASP B 339 12.70 -9.74 -23.45
N VAL B 340 11.94 -8.93 -22.70
CA VAL B 340 11.87 -9.00 -21.21
C VAL B 340 11.17 -10.31 -20.79
N LEU B 341 10.03 -10.61 -21.41
CA LEU B 341 9.32 -11.90 -21.21
C LEU B 341 10.30 -13.07 -21.42
N ALA B 342 10.97 -13.09 -22.59
CA ALA B 342 11.90 -14.16 -23.03
C ALA B 342 12.97 -14.40 -21.96
N GLN B 343 13.55 -13.33 -21.39
CA GLN B 343 14.78 -13.39 -20.55
C GLN B 343 14.44 -13.52 -19.06
N PHE B 344 13.28 -13.08 -18.61
CA PHE B 344 12.95 -12.91 -17.16
C PHE B 344 11.54 -13.41 -16.80
N GLY B 345 10.66 -13.63 -17.79
CA GLY B 345 9.24 -13.95 -17.59
C GLY B 345 8.45 -12.77 -17.04
N ASN B 346 7.34 -13.05 -16.34
CA ASN B 346 6.48 -12.03 -15.69
C ASN B 346 7.00 -11.72 -14.28
N MET B 347 7.47 -10.48 -14.07
CA MET B 347 7.94 -10.00 -12.75
C MET B 347 6.97 -8.97 -12.17
N LEU B 348 5.71 -8.99 -12.60
CA LEU B 348 4.64 -8.10 -12.10
C LEU B 348 5.07 -6.63 -12.19
N SER B 349 5.09 -5.91 -11.07
CA SER B 349 5.30 -4.43 -11.02
C SER B 349 6.66 -4.07 -11.67
N VAL B 350 7.65 -4.94 -11.53
CA VAL B 350 9.07 -4.70 -11.94
C VAL B 350 9.18 -4.74 -13.46
N SER B 351 8.39 -5.57 -14.13
CA SER B 351 8.53 -5.89 -15.57
C SER B 351 8.68 -4.60 -16.38
N LEU B 352 7.93 -3.53 -16.06
CA LEU B 352 7.90 -2.35 -16.96
C LEU B 352 9.09 -1.42 -16.70
N ILE B 353 9.75 -1.52 -15.55
CA ILE B 353 11.03 -0.80 -15.29
C ILE B 353 12.12 -1.42 -16.17
N PHE B 354 12.08 -2.74 -16.36
CA PHE B 354 12.98 -3.50 -17.25
C PHE B 354 12.79 -3.03 -18.69
N VAL B 355 11.53 -2.95 -19.14
CA VAL B 355 11.16 -2.53 -20.52
C VAL B 355 11.66 -1.10 -20.71
N LEU B 356 11.44 -0.22 -19.73
CA LEU B 356 11.87 1.19 -19.82
C LEU B 356 13.39 1.26 -19.96
N GLU B 357 14.13 0.51 -19.14
CA GLU B 357 15.61 0.52 -19.15
C GLU B 357 16.11 0.15 -20.56
N MET B 358 15.54 -0.88 -21.16
CA MET B 358 15.88 -1.36 -22.52
C MET B 358 15.65 -0.24 -23.53
N MET B 359 14.53 0.47 -23.41
CA MET B 359 14.12 1.52 -24.38
C MET B 359 15.09 2.70 -24.27
N VAL B 360 15.50 3.03 -23.05
CA VAL B 360 16.52 4.08 -22.80
C VAL B 360 17.86 3.61 -23.39
N ALA B 361 18.22 2.34 -23.17
CA ALA B 361 19.54 1.75 -23.49
C ALA B 361 19.73 1.63 -25.01
N GLN B 362 18.71 1.19 -25.74
CA GLN B 362 18.82 0.98 -27.20
C GLN B 362 17.74 1.82 -27.90
N ALA B 363 18.11 3.01 -28.35
CA ALA B 363 17.26 3.94 -29.13
C ALA B 363 16.73 3.22 -30.38
N GLU B 364 15.46 3.47 -30.72
CA GLU B 364 14.73 2.83 -31.84
C GLU B 364 14.94 3.60 -33.15
N SER B 365 15.42 4.86 -33.08
CA SER B 365 15.58 5.73 -34.28
C SER B 365 16.51 6.92 -33.97
N ASP B 366 16.46 7.93 -34.85
CA ASP B 366 17.39 9.10 -34.92
C ASP B 366 16.83 10.26 -34.08
N LYS B 367 15.52 10.25 -33.81
CA LYS B 367 14.75 11.38 -33.23
C LYS B 367 15.39 11.77 -31.91
N PRO B 368 15.47 13.09 -31.58
CA PRO B 368 16.07 13.55 -30.33
C PRO B 368 15.17 13.34 -29.10
N ILE B 369 13.86 13.16 -29.30
CA ILE B 369 12.90 12.68 -28.26
C ILE B 369 12.08 11.52 -28.84
N SER B 370 11.97 10.42 -28.10
CA SER B 370 11.07 9.28 -28.41
C SER B 370 9.86 9.34 -27.45
N THR B 371 8.66 9.43 -28.02
CA THR B 371 7.36 9.42 -27.31
C THR B 371 6.88 7.97 -27.21
N GLY B 372 6.33 7.60 -26.05
CA GLY B 372 5.99 6.20 -25.74
C GLY B 372 4.77 6.10 -24.85
N VAL B 373 4.13 4.93 -24.86
CA VAL B 373 2.99 4.58 -23.97
C VAL B 373 3.33 3.27 -23.29
N ALA B 374 3.21 3.27 -21.97
CA ALA B 374 3.31 2.09 -21.11
C ALA B 374 1.94 1.83 -20.50
N PHE B 375 1.51 0.57 -20.43
CA PHE B 375 0.31 0.19 -19.65
C PHE B 375 0.40 -1.27 -19.23
N ALA B 376 -0.42 -1.60 -18.24
CA ALA B 376 -0.44 -2.88 -17.52
C ALA B 376 -1.83 -3.07 -16.92
N PHE B 377 -2.12 -4.28 -16.45
CA PHE B 377 -3.45 -4.68 -15.95
C PHE B 377 -3.34 -5.04 -14.47
N ALA B 378 -4.27 -4.52 -13.68
CA ALA B 378 -4.36 -4.78 -12.23
C ALA B 378 -5.73 -5.37 -11.91
N PRO B 379 -5.88 -6.01 -10.72
CA PRO B 379 -7.20 -6.41 -10.25
C PRO B 379 -8.26 -5.33 -10.49
N GLY B 380 -9.46 -5.72 -10.97
CA GLY B 380 -10.57 -4.77 -11.20
C GLY B 380 -11.61 -5.27 -12.18
N VAL B 381 -11.25 -5.46 -13.46
CA VAL B 381 -9.90 -5.22 -13.96
C VAL B 381 -9.72 -3.71 -14.21
N THR B 382 -8.50 -3.23 -13.95
CA THR B 382 -8.06 -1.83 -14.21
C THR B 382 -6.93 -1.80 -15.24
N VAL B 383 -6.96 -0.83 -16.16
CA VAL B 383 -5.86 -0.48 -17.09
C VAL B 383 -5.17 0.77 -16.54
N GLU B 384 -3.91 0.64 -16.15
CA GLU B 384 -3.04 1.76 -15.70
C GLU B 384 -1.96 1.97 -16.77
N GLY B 385 -1.51 3.20 -16.98
CA GLY B 385 -0.44 3.48 -17.96
C GLY B 385 0.11 4.89 -17.86
N MET B 386 1.18 5.15 -18.60
CA MET B 386 1.77 6.51 -18.76
C MET B 386 1.96 6.79 -20.24
N LEU B 387 1.80 8.06 -20.61
CA LEU B 387 2.46 8.69 -21.76
C LEU B 387 3.82 9.21 -21.26
N PHE B 388 4.91 8.98 -22.00
CA PHE B 388 6.28 9.43 -21.61
C PHE B 388 7.11 9.80 -22.84
N ASP B 389 8.17 10.58 -22.60
CA ASP B 389 9.20 10.99 -23.60
C ASP B 389 10.59 10.62 -23.05
N ILE B 390 11.37 9.84 -23.79
CA ILE B 390 12.82 9.62 -23.51
C ILE B 390 13.60 10.71 -24.26
N ILE B 391 14.49 11.41 -23.55
CA ILE B 391 15.42 12.40 -24.16
C ILE B 391 16.60 11.62 -24.75
N ARG B 392 16.97 11.88 -26.01
CA ARG B 392 18.08 11.21 -26.73
C ARG B 392 19.26 12.16 -26.98
C1 OCA C . -9.11 -8.90 18.41
C2 OCA C . -7.64 -8.97 18.02
C3 OCA C . -7.30 -9.95 16.95
C4 OCA C . -5.91 -9.74 16.37
C5 OCA C . -5.85 -8.66 15.30
C6 OCA C . -4.46 -8.37 14.76
C7 OCA C . -4.48 -7.65 13.43
C8 OCA C . -3.77 -6.31 13.42
O1 OCA C . -9.46 -9.35 19.51
O2 OCA C . -9.90 -8.38 17.60
C1 OCA D . 6.78 -19.50 -9.51
C2 OCA D . 5.34 -19.01 -9.42
C3 OCA D . 4.79 -18.93 -8.04
C4 OCA D . 3.37 -18.38 -8.00
C5 OCA D . 3.16 -17.27 -6.99
C6 OCA D . 2.51 -16.03 -7.55
C7 OCA D . 2.42 -14.87 -6.58
C8 OCA D . 1.59 -13.72 -7.09
O1 OCA D . 7.64 -18.86 -8.90
O2 OCA D . 7.02 -20.52 -10.17
#